data_1NVF
#
_entry.id   1NVF
#
_cell.length_a   206.500
_cell.length_b   136.400
_cell.length_c   40.400
_cell.angle_alpha   90.00
_cell.angle_beta   90.00
_cell.angle_gamma   90.00
#
_symmetry.space_group_name_H-M   'P 21 21 2'
#
loop_
_entity.id
_entity.type
_entity.pdbx_description
1 polymer '3-DEHYDROQUINATE SYNTHASE'
2 non-polymer 'ZINC ION'
3 non-polymer 'CHLORIDE ION'
4 non-polymer "ADENOSINE-5'-DIPHOSPHATE"
5 non-polymer '[1R-(1ALPHA,3BETA,4ALPHA,5BETA)]-5-(PHOSPHONOMETHYL)-1,3,4-TRIHYDROXYCYCLOHEXANE-1-CARBOXYLIC ACID'
6 water water
#
_entity_poly.entity_id   1
_entity_poly.type   'polypeptide(L)'
_entity_poly.pdbx_seq_one_letter_code
;MSNPTKISILGRESIIADFGLWRNYVAKDLISDCSSTTYVLVTDTNIGSIYTPSFEEAFRKRAAEITPSPRLLIYNRPPG
EVSKSRQTKADIEDWMLSQNPPCGRDTVVIALGGGVIGDLTGFVASTYMRGVRYVQVPTTLLAMVDSSIGGKTAIDTPLG
KNLIGAIWQPTKIYIDLEFLETLPVREFINGMAEVIKTAAISSEEEFTALEENAETILKAVRREVTPGEHRFEGTEEILK
ARILASARHKAYVVSADEREGGLRNLLNWGHSIGHAIEAILTPQILHGECVAIGMVKEAELARHLGILKGVAVSRIVKCL
AAYGLPTSLKDARIRKLTAGKHCSVDQLMFNMALDKKNDGPKKKIVLLSAIGTPYETRASVVANEDIRVVLAP
;
_entity_poly.pdbx_strand_id   A,B,C
#
loop_
_chem_comp.id
_chem_comp.type
_chem_comp.name
_chem_comp.formula
ADP non-polymer ADENOSINE-5'-DIPHOSPHATE 'C10 H15 N5 O10 P2'
CL non-polymer 'CHLORIDE ION' 'Cl -1'
CRB non-polymer '[1R-(1ALPHA,3BETA,4ALPHA,5BETA)]-5-(PHOSPHONOMETHYL)-1,3,4-TRIHYDROXYCYCLOHEXANE-1-CARBOXYLIC ACID' 'C8 H15 O8 P'
ZN non-polymer 'ZINC ION' 'Zn 2'
#
# COMPACT_ATOMS: atom_id res chain seq x y z
N PRO A 4 25.46 70.68 -41.24
CA PRO A 4 24.97 69.58 -40.36
C PRO A 4 26.06 68.54 -40.12
N THR A 5 26.83 68.72 -39.05
CA THR A 5 27.90 67.80 -38.72
C THR A 5 27.45 66.75 -37.70
N LYS A 6 27.92 65.51 -37.84
CA LYS A 6 27.60 64.43 -36.92
C LYS A 6 28.85 63.79 -36.36
N ILE A 7 28.89 63.57 -35.04
CA ILE A 7 30.03 62.92 -34.40
C ILE A 7 29.57 61.55 -33.91
N SER A 8 30.49 60.58 -33.95
CA SER A 8 30.18 59.23 -33.51
C SER A 8 30.79 58.99 -32.16
N ILE A 9 29.96 58.52 -31.22
CA ILE A 9 30.41 58.23 -29.87
C ILE A 9 29.97 56.85 -29.44
N LEU A 10 30.94 56.06 -29.00
CA LEU A 10 30.72 54.69 -28.56
C LEU A 10 29.99 53.87 -29.63
N GLY A 11 30.48 54.00 -30.86
CA GLY A 11 29.92 53.24 -31.97
C GLY A 11 28.63 53.73 -32.59
N ARG A 12 28.20 54.92 -32.20
CA ARG A 12 26.97 55.44 -32.77
C ARG A 12 27.04 56.95 -33.00
N GLU A 13 26.55 57.39 -34.16
CA GLU A 13 26.54 58.81 -34.51
C GLU A 13 25.37 59.45 -33.78
N SER A 14 25.48 59.59 -32.46
CA SER A 14 24.40 60.19 -31.70
C SER A 14 24.54 61.70 -31.53
N ILE A 15 25.64 62.25 -32.06
CA ILE A 15 25.87 63.69 -31.97
C ILE A 15 25.65 64.41 -33.29
N ILE A 16 24.68 65.31 -33.31
CA ILE A 16 24.35 66.11 -34.49
C ILE A 16 24.56 67.59 -34.14
N ALA A 17 25.47 68.24 -34.84
CA ALA A 17 25.77 69.64 -34.57
C ALA A 17 25.50 70.57 -35.73
N ASP A 18 24.75 71.62 -35.45
CA ASP A 18 24.42 72.61 -36.47
C ASP A 18 23.77 73.80 -35.79
N PHE A 19 23.42 74.80 -36.60
CA PHE A 19 22.80 76.01 -36.10
C PHE A 19 21.31 75.95 -36.43
N GLY A 20 20.48 76.05 -35.39
CA GLY A 20 19.04 76.03 -35.59
C GLY A 20 18.39 74.67 -35.50
N LEU A 21 19.05 73.75 -34.81
CA LEU A 21 18.53 72.42 -34.65
C LEU A 21 17.23 72.41 -33.86
N TRP A 22 17.26 73.10 -32.72
CA TRP A 22 16.10 73.17 -31.84
C TRP A 22 14.81 73.57 -32.54
N ARG A 23 14.88 74.66 -33.29
CA ARG A 23 13.73 75.16 -33.98
C ARG A 23 13.18 74.20 -35.04
N ASN A 24 14.04 73.73 -35.93
CA ASN A 24 13.60 72.87 -37.04
C ASN A 24 14.33 71.54 -37.24
N TYR A 25 14.26 70.64 -36.27
CA TYR A 25 14.92 69.36 -36.41
C TYR A 25 14.67 68.48 -35.21
N VAL A 26 15.22 68.85 -34.07
CA VAL A 26 15.04 68.07 -32.85
C VAL A 26 13.64 67.51 -32.77
N ALA A 27 12.64 68.38 -32.92
CA ALA A 27 11.23 67.98 -32.85
C ALA A 27 10.94 66.78 -33.74
N LYS A 28 11.25 66.90 -35.03
CA LYS A 28 11.02 65.83 -35.99
C LYS A 28 11.87 64.58 -35.71
N ASP A 29 13.19 64.75 -35.65
CA ASP A 29 14.09 63.63 -35.38
C ASP A 29 13.67 62.80 -34.16
N LEU A 30 13.22 63.48 -33.12
CA LEU A 30 12.79 62.80 -31.91
C LEU A 30 11.66 61.81 -32.17
N ILE A 31 10.66 62.27 -32.93
CA ILE A 31 9.50 61.45 -33.22
C ILE A 31 9.77 60.30 -34.16
N SER A 32 10.84 60.40 -34.93
CA SER A 32 11.20 59.36 -35.89
C SER A 32 12.23 58.37 -35.35
N ASP A 33 13.27 58.89 -34.70
CA ASP A 33 14.33 58.03 -34.16
C ASP A 33 14.15 57.67 -32.69
N CYS A 34 13.18 58.30 -32.04
CA CYS A 34 12.89 58.03 -30.64
C CYS A 34 11.42 57.79 -30.47
N SER A 35 10.90 56.87 -31.25
CA SER A 35 9.49 56.51 -31.19
C SER A 35 9.05 56.29 -29.75
N SER A 36 7.98 56.97 -29.36
CA SER A 36 7.46 56.82 -28.02
C SER A 36 6.10 57.47 -27.92
N THR A 37 5.39 57.13 -26.86
CA THR A 37 4.05 57.65 -26.58
C THR A 37 4.16 58.77 -25.59
N THR A 38 5.32 58.85 -24.94
CA THR A 38 5.57 59.86 -23.93
C THR A 38 6.94 60.48 -24.00
N TYR A 39 6.96 61.81 -23.98
CA TYR A 39 8.20 62.57 -24.01
C TYR A 39 8.20 63.57 -22.85
N VAL A 40 9.27 63.58 -22.06
CA VAL A 40 9.34 64.49 -20.93
C VAL A 40 10.45 65.49 -21.11
N LEU A 41 10.07 66.76 -21.12
CA LEU A 41 11.02 67.84 -21.27
C LEU A 41 11.35 68.42 -19.90
N VAL A 42 12.64 68.46 -19.60
CA VAL A 42 13.11 69.00 -18.33
C VAL A 42 14.01 70.19 -18.61
N THR A 43 13.82 71.26 -17.84
CA THR A 43 14.59 72.49 -18.04
C THR A 43 14.23 73.41 -16.88
N ASP A 44 14.93 74.53 -16.74
CA ASP A 44 14.61 75.47 -15.67
C ASP A 44 13.78 76.62 -16.23
N THR A 45 13.26 77.45 -15.33
CA THR A 45 12.44 78.58 -15.70
C THR A 45 13.15 79.57 -16.64
N ASN A 46 14.45 79.77 -16.47
CA ASN A 46 15.22 80.68 -17.32
C ASN A 46 15.23 80.23 -18.76
N ILE A 47 15.70 79.01 -19.01
CA ILE A 47 15.74 78.49 -20.37
C ILE A 47 14.36 78.14 -20.96
N GLY A 48 13.42 77.77 -20.10
CA GLY A 48 12.10 77.40 -20.55
C GLY A 48 11.29 78.50 -21.20
N SER A 49 11.16 79.62 -20.51
CA SER A 49 10.39 80.75 -21.03
C SER A 49 10.93 81.27 -22.35
N ILE A 50 12.21 81.04 -22.62
CA ILE A 50 12.84 81.49 -23.83
C ILE A 50 12.78 80.46 -24.97
N TYR A 51 12.90 79.17 -24.56
CA TYR A 51 13.01 78.12 -25.57
C TYR A 51 11.94 77.03 -25.68
N THR A 52 11.16 76.78 -24.64
CA THR A 52 10.18 75.69 -24.74
C THR A 52 8.99 76.03 -25.66
N PRO A 53 8.43 77.23 -25.62
CA PRO A 53 7.29 77.56 -26.49
C PRO A 53 7.50 77.09 -27.93
N SER A 54 8.57 77.56 -28.55
CA SER A 54 8.88 77.20 -29.94
C SER A 54 8.89 75.69 -30.15
N PHE A 55 9.33 74.96 -29.14
CA PHE A 55 9.39 73.52 -29.26
C PHE A 55 8.03 72.83 -29.18
N GLU A 56 7.15 73.31 -28.32
CA GLU A 56 5.84 72.70 -28.19
C GLU A 56 5.15 72.69 -29.55
N GLU A 57 5.36 73.77 -30.30
CA GLU A 57 4.76 73.92 -31.63
C GLU A 57 5.42 72.96 -32.60
N ALA A 58 6.75 72.95 -32.61
CA ALA A 58 7.50 72.09 -33.49
C ALA A 58 7.14 70.63 -33.22
N PHE A 59 6.75 70.37 -31.98
CA PHE A 59 6.37 69.02 -31.57
C PHE A 59 5.01 68.61 -32.11
N ARG A 60 3.98 69.39 -31.78
CA ARG A 60 2.63 69.10 -32.25
C ARG A 60 2.64 68.92 -33.75
N LYS A 61 3.39 69.78 -34.42
CA LYS A 61 3.52 69.75 -35.87
C LYS A 61 3.99 68.38 -36.34
N ARG A 62 5.10 67.90 -35.80
CA ARG A 62 5.61 66.61 -36.23
C ARG A 62 4.89 65.40 -35.62
N ALA A 63 4.05 65.63 -34.62
CA ALA A 63 3.34 64.54 -33.96
C ALA A 63 1.91 64.41 -34.49
N ALA A 64 1.49 65.41 -35.26
CA ALA A 64 0.15 65.45 -35.81
C ALA A 64 -0.17 64.25 -36.70
N GLU A 65 0.82 63.81 -37.46
CA GLU A 65 0.62 62.69 -38.35
C GLU A 65 0.60 61.38 -37.58
N ILE A 66 1.27 61.38 -36.43
CA ILE A 66 1.38 60.19 -35.59
C ILE A 66 0.11 59.83 -34.83
N THR A 67 -0.25 58.54 -34.90
CA THR A 67 -1.43 58.02 -34.22
C THR A 67 -1.13 56.61 -33.64
N PRO A 68 -1.57 56.33 -32.40
CA PRO A 68 -2.32 57.27 -31.55
C PRO A 68 -1.39 58.40 -31.14
N SER A 69 -1.97 59.58 -30.91
CA SER A 69 -1.19 60.76 -30.54
C SER A 69 -0.25 60.54 -29.37
N PRO A 70 1.02 60.95 -29.52
CA PRO A 70 1.99 60.80 -28.43
C PRO A 70 1.82 62.03 -27.56
N ARG A 71 2.47 62.09 -26.40
CA ARG A 71 2.32 63.27 -25.54
C ARG A 71 3.64 63.91 -25.17
N LEU A 72 3.58 65.19 -24.81
CA LEU A 72 4.74 65.95 -24.40
C LEU A 72 4.46 66.57 -23.05
N LEU A 73 5.19 66.14 -22.03
CA LEU A 73 4.97 66.66 -20.70
C LEU A 73 6.17 67.49 -20.38
N ILE A 74 5.96 68.58 -19.64
CA ILE A 74 7.06 69.50 -19.31
C ILE A 74 7.30 69.73 -17.82
N TYR A 75 8.58 69.69 -17.43
CA TYR A 75 8.97 69.91 -16.03
C TYR A 75 10.00 71.03 -15.93
N ASN A 76 9.63 72.08 -15.20
CA ASN A 76 10.51 73.22 -15.02
C ASN A 76 11.00 73.30 -13.59
N ARG A 77 12.30 73.14 -13.43
CA ARG A 77 12.93 73.21 -12.13
C ARG A 77 13.59 74.58 -11.96
N PRO A 78 13.96 74.93 -10.72
CA PRO A 78 14.61 76.22 -10.48
C PRO A 78 16.06 76.22 -10.96
N PRO A 79 16.54 77.35 -11.51
CA PRO A 79 17.92 77.45 -11.99
C PRO A 79 18.96 77.49 -10.88
N GLY A 80 20.16 77.00 -11.18
CA GLY A 80 21.22 77.00 -10.19
C GLY A 80 21.65 75.59 -9.84
N GLU A 81 22.85 75.46 -9.28
CA GLU A 81 23.39 74.15 -8.89
C GLU A 81 22.51 73.52 -7.82
N VAL A 82 21.64 74.33 -7.25
CA VAL A 82 20.72 73.87 -6.20
C VAL A 82 19.77 72.76 -6.65
N SER A 83 19.61 72.62 -7.96
CA SER A 83 18.72 71.61 -8.51
C SER A 83 19.38 70.22 -8.56
N LYS A 84 20.71 70.17 -8.46
CA LYS A 84 21.41 68.90 -8.45
C LYS A 84 21.36 68.32 -7.03
N SER A 85 20.17 67.88 -6.62
CA SER A 85 19.95 67.33 -5.28
C SER A 85 19.07 66.11 -5.28
N ARG A 86 19.22 65.29 -4.25
CA ARG A 86 18.44 64.07 -4.09
C ARG A 86 16.95 64.38 -4.14
N GLN A 87 16.58 65.57 -3.69
CA GLN A 87 15.16 65.98 -3.67
C GLN A 87 14.59 66.36 -5.02
N THR A 88 15.32 67.13 -5.81
CA THR A 88 14.83 67.51 -7.11
C THR A 88 14.67 66.27 -7.97
N LYS A 89 15.61 65.34 -7.83
CA LYS A 89 15.56 64.08 -8.58
C LYS A 89 14.36 63.26 -8.11
N ALA A 90 13.97 63.46 -6.85
CA ALA A 90 12.83 62.73 -6.27
C ALA A 90 11.54 63.41 -6.64
N ASP A 91 11.62 64.71 -6.93
CA ASP A 91 10.45 65.48 -7.32
C ASP A 91 10.13 65.21 -8.76
N ILE A 92 11.16 65.22 -9.61
CA ILE A 92 10.97 64.95 -11.03
C ILE A 92 10.45 63.56 -11.21
N GLU A 93 10.98 62.62 -10.42
CA GLU A 93 10.56 61.23 -10.48
C GLU A 93 9.12 61.06 -10.02
N ASP A 94 8.79 61.52 -8.81
CA ASP A 94 7.41 61.43 -8.32
C ASP A 94 6.43 62.11 -9.29
N TRP A 95 6.91 63.12 -9.99
CA TRP A 95 6.07 63.82 -10.94
C TRP A 95 5.77 62.90 -12.13
N MET A 96 6.83 62.35 -12.73
CA MET A 96 6.69 61.46 -13.89
C MET A 96 5.81 60.27 -13.57
N LEU A 97 6.01 59.71 -12.38
CA LEU A 97 5.23 58.58 -11.95
C LEU A 97 3.79 58.99 -11.69
N SER A 98 3.56 60.28 -11.51
CA SER A 98 2.20 60.75 -11.23
C SER A 98 1.37 61.28 -12.41
N GLN A 99 1.92 61.28 -13.61
CA GLN A 99 1.17 61.75 -14.77
C GLN A 99 0.05 60.77 -15.10
N ASN A 100 -0.90 61.18 -15.92
CA ASN A 100 -2.00 60.30 -16.29
C ASN A 100 -1.96 60.01 -17.78
N PRO A 101 -1.55 58.79 -18.17
CA PRO A 101 -1.11 57.69 -17.30
C PRO A 101 0.34 57.90 -16.92
N PRO A 102 0.84 57.12 -15.94
CA PRO A 102 2.23 57.24 -15.50
C PRO A 102 3.22 57.17 -16.66
N CYS A 103 4.39 57.76 -16.46
CA CYS A 103 5.43 57.75 -17.46
C CYS A 103 6.04 56.37 -17.37
N GLY A 104 6.06 55.68 -18.49
CA GLY A 104 6.57 54.32 -18.52
C GLY A 104 7.94 54.23 -19.09
N ARG A 105 8.42 52.99 -19.16
CA ARG A 105 9.74 52.71 -19.67
C ARG A 105 9.97 53.11 -21.12
N ASP A 106 8.94 53.61 -21.79
CA ASP A 106 9.09 54.03 -23.19
C ASP A 106 9.26 55.54 -23.21
N THR A 107 9.28 56.15 -22.03
CA THR A 107 9.43 57.58 -21.90
C THR A 107 10.75 58.00 -22.51
N VAL A 108 10.74 59.12 -23.21
CA VAL A 108 11.94 59.66 -23.80
C VAL A 108 12.11 61.01 -23.12
N VAL A 109 13.15 61.12 -22.30
CA VAL A 109 13.41 62.36 -21.56
C VAL A 109 14.35 63.29 -22.29
N ILE A 110 13.94 64.56 -22.35
CA ILE A 110 14.72 65.58 -23.04
C ILE A 110 15.38 66.54 -22.05
N ALA A 111 16.71 66.53 -22.04
CA ALA A 111 17.52 67.39 -21.18
C ALA A 111 17.80 68.73 -21.89
N LEU A 112 17.03 69.76 -21.56
CA LEU A 112 17.20 71.06 -22.16
C LEU A 112 17.84 72.03 -21.17
N GLY A 113 19.16 72.11 -21.21
CA GLY A 113 19.83 73.00 -20.29
C GLY A 113 21.33 72.75 -20.30
N GLY A 114 22.02 73.35 -19.34
CA GLY A 114 23.45 73.21 -19.26
C GLY A 114 23.85 71.94 -18.52
N GLY A 115 24.95 72.01 -17.79
CA GLY A 115 25.44 70.85 -17.06
C GLY A 115 24.56 70.45 -15.90
N VAL A 116 23.94 71.42 -15.24
CA VAL A 116 23.08 71.09 -14.11
C VAL A 116 21.89 70.28 -14.60
N ILE A 117 21.14 70.83 -15.53
CA ILE A 117 19.97 70.13 -16.04
C ILE A 117 20.36 68.85 -16.77
N GLY A 118 21.52 68.86 -17.41
CA GLY A 118 21.99 67.68 -18.11
C GLY A 118 22.35 66.58 -17.13
N ASP A 119 23.21 66.88 -16.18
CA ASP A 119 23.58 65.87 -15.20
C ASP A 119 22.37 65.32 -14.46
N LEU A 120 21.48 66.22 -14.06
CA LEU A 120 20.29 65.84 -13.33
C LEU A 120 19.33 64.98 -14.15
N THR A 121 18.91 65.53 -15.28
CA THR A 121 17.99 64.83 -16.17
C THR A 121 18.50 63.46 -16.57
N GLY A 122 19.78 63.37 -16.91
CA GLY A 122 20.35 62.11 -17.32
C GLY A 122 20.38 61.07 -16.22
N PHE A 123 20.56 61.52 -14.99
CA PHE A 123 20.62 60.61 -13.87
C PHE A 123 19.23 60.07 -13.57
N VAL A 124 18.24 60.95 -13.60
CA VAL A 124 16.87 60.55 -13.38
C VAL A 124 16.49 59.46 -14.37
N ALA A 125 16.88 59.69 -15.64
CA ALA A 125 16.60 58.78 -16.74
C ALA A 125 17.27 57.44 -16.56
N SER A 126 18.46 57.44 -15.97
CA SER A 126 19.24 56.22 -15.76
C SER A 126 18.61 55.27 -14.76
N THR A 127 17.91 55.82 -13.78
CA THR A 127 17.29 54.99 -12.76
C THR A 127 15.76 54.97 -12.79
N TYR A 128 15.15 55.71 -13.71
CA TYR A 128 13.69 55.73 -13.78
C TYR A 128 13.17 54.37 -14.22
N MET A 129 12.50 53.67 -13.32
CA MET A 129 12.00 52.33 -13.64
C MET A 129 13.14 51.46 -14.13
N ARG A 130 14.33 51.81 -13.66
CA ARG A 130 15.60 51.15 -13.97
C ARG A 130 16.25 51.55 -15.29
N GLY A 131 15.75 52.63 -15.90
CA GLY A 131 16.30 53.10 -17.16
C GLY A 131 15.36 53.39 -18.33
N VAL A 132 15.34 54.65 -18.75
CA VAL A 132 14.55 55.07 -19.89
C VAL A 132 15.48 55.86 -20.83
N ARG A 133 15.07 56.05 -22.08
CA ARG A 133 15.89 56.80 -23.02
C ARG A 133 15.87 58.29 -22.72
N TYR A 134 16.90 59.01 -23.17
CA TYR A 134 16.94 60.43 -22.97
C TYR A 134 17.90 61.07 -23.97
N VAL A 135 17.72 62.37 -24.19
CA VAL A 135 18.54 63.11 -25.13
C VAL A 135 19.06 64.38 -24.48
N GLN A 136 20.16 64.88 -25.02
CA GLN A 136 20.81 66.09 -24.52
C GLN A 136 20.69 67.23 -25.50
N VAL A 137 20.22 68.37 -24.99
CA VAL A 137 20.07 69.58 -25.78
C VAL A 137 20.82 70.62 -25.00
N PRO A 138 22.16 70.55 -25.05
CA PRO A 138 23.03 71.50 -24.33
C PRO A 138 22.80 72.93 -24.76
N THR A 139 22.39 73.77 -23.80
CA THR A 139 22.11 75.19 -24.08
C THR A 139 23.26 76.11 -23.65
N THR A 140 24.26 75.55 -22.99
CA THR A 140 25.42 76.31 -22.53
C THR A 140 26.71 75.81 -23.21
N LEU A 141 27.70 76.69 -23.26
CA LEU A 141 28.97 76.36 -23.88
C LEU A 141 29.59 75.13 -23.22
N LEU A 142 29.69 75.17 -21.90
CA LEU A 142 30.26 74.09 -21.13
C LEU A 142 29.60 72.77 -21.48
N ALA A 143 28.27 72.75 -21.51
CA ALA A 143 27.56 71.52 -21.81
C ALA A 143 27.79 71.06 -23.26
N MET A 144 27.85 72.02 -24.17
CA MET A 144 28.05 71.70 -25.58
C MET A 144 29.41 71.08 -25.87
N VAL A 145 30.41 71.60 -25.19
CA VAL A 145 31.78 71.16 -25.40
C VAL A 145 32.25 70.12 -24.40
N ASP A 146 31.42 69.75 -23.42
CA ASP A 146 31.86 68.77 -22.43
C ASP A 146 30.80 67.93 -21.72
N SER A 147 30.07 68.56 -20.79
CA SER A 147 29.09 67.83 -19.98
C SER A 147 28.01 67.00 -20.66
N SER A 148 27.55 67.42 -21.83
CA SER A 148 26.49 66.69 -22.53
C SER A 148 26.95 65.40 -23.22
N ILE A 149 28.21 65.37 -23.60
CA ILE A 149 28.76 64.20 -24.28
C ILE A 149 29.43 63.32 -23.24
N GLY A 150 29.34 62.00 -23.39
CA GLY A 150 30.01 61.14 -22.44
C GLY A 150 29.17 60.28 -21.51
N GLY A 151 27.90 60.62 -21.36
CA GLY A 151 27.06 59.82 -20.51
C GLY A 151 27.23 59.98 -19.01
N LYS A 152 28.28 60.67 -18.55
CA LYS A 152 28.44 60.87 -17.11
C LYS A 152 27.35 61.77 -16.56
N THR A 153 26.64 61.27 -15.56
CA THR A 153 25.57 62.02 -14.93
C THR A 153 25.67 61.82 -13.43
N ALA A 154 25.18 62.79 -12.65
CA ALA A 154 25.22 62.67 -11.20
C ALA A 154 24.60 63.85 -10.45
N ILE A 155 24.64 63.79 -9.13
CA ILE A 155 24.11 64.84 -8.28
C ILE A 155 25.09 65.10 -7.14
N ASP A 156 24.88 66.20 -6.42
CA ASP A 156 25.75 66.55 -5.32
C ASP A 156 25.16 66.16 -3.98
N THR A 157 26.04 65.85 -3.03
CA THR A 157 25.63 65.51 -1.67
C THR A 157 26.40 66.52 -0.83
N PRO A 158 25.93 66.76 0.40
CA PRO A 158 26.58 67.72 1.33
C PRO A 158 28.12 67.68 1.38
N LEU A 159 28.70 66.53 1.03
CA LEU A 159 30.15 66.39 1.10
C LEU A 159 30.95 66.86 -0.11
N GLY A 160 30.43 66.65 -1.31
CA GLY A 160 31.19 67.08 -2.46
C GLY A 160 30.37 67.15 -3.73
N LYS A 161 31.08 67.17 -4.86
CA LYS A 161 30.47 67.26 -6.18
C LYS A 161 30.42 65.91 -6.89
N ASN A 162 29.32 65.69 -7.60
CA ASN A 162 29.09 64.46 -8.36
C ASN A 162 29.53 63.21 -7.62
N LEU A 163 29.04 63.03 -6.40
CA LEU A 163 29.42 61.85 -5.63
C LEU A 163 28.52 60.65 -5.93
N ILE A 164 27.28 60.94 -6.33
CA ILE A 164 26.31 59.90 -6.68
C ILE A 164 25.81 60.17 -8.08
N GLY A 165 25.81 59.13 -8.91
CA GLY A 165 25.36 59.27 -10.28
C GLY A 165 25.42 57.97 -11.06
N ALA A 166 25.42 58.08 -12.38
CA ALA A 166 25.49 56.92 -13.25
C ALA A 166 26.01 57.24 -14.64
N ILE A 167 26.50 56.22 -15.32
CA ILE A 167 27.00 56.39 -16.67
C ILE A 167 25.90 55.86 -17.57
N TRP A 168 25.07 56.78 -18.03
CA TRP A 168 23.94 56.47 -18.87
C TRP A 168 24.08 57.23 -20.18
N GLN A 169 24.32 56.52 -21.28
CA GLN A 169 24.49 57.19 -22.54
C GLN A 169 23.18 57.67 -23.12
N PRO A 170 23.12 58.94 -23.53
CA PRO A 170 21.90 59.53 -24.12
C PRO A 170 21.74 58.96 -25.53
N THR A 171 20.50 58.82 -25.99
CA THR A 171 20.27 58.28 -27.32
C THR A 171 20.64 59.26 -28.44
N LYS A 172 20.46 60.55 -28.17
CA LYS A 172 20.79 61.61 -29.12
C LYS A 172 21.36 62.79 -28.35
N ILE A 173 22.19 63.58 -29.04
CA ILE A 173 22.81 64.77 -28.47
C ILE A 173 22.76 65.86 -29.55
N TYR A 174 21.91 66.86 -29.31
CA TYR A 174 21.75 67.94 -30.26
C TYR A 174 22.49 69.20 -29.86
N ILE A 175 23.55 69.51 -30.60
CA ILE A 175 24.33 70.71 -30.30
C ILE A 175 23.88 71.84 -31.22
N ASP A 176 23.06 72.73 -30.67
CA ASP A 176 22.55 73.87 -31.43
C ASP A 176 23.25 75.17 -31.03
N LEU A 177 24.19 75.61 -31.83
CA LEU A 177 24.92 76.83 -31.54
C LEU A 177 24.06 78.08 -31.34
N GLU A 178 22.83 78.02 -31.83
CA GLU A 178 21.93 79.16 -31.70
C GLU A 178 21.67 79.50 -30.23
N PHE A 179 21.78 78.52 -29.35
CA PHE A 179 21.52 78.78 -27.93
C PHE A 179 22.49 79.79 -27.34
N LEU A 180 23.71 79.78 -27.84
CA LEU A 180 24.76 80.68 -27.35
C LEU A 180 24.35 82.15 -27.44
N GLU A 181 23.44 82.46 -28.36
CA GLU A 181 22.98 83.83 -28.52
C GLU A 181 22.49 84.43 -27.21
N THR A 182 21.78 83.66 -26.40
CA THR A 182 21.23 84.19 -25.15
C THR A 182 21.97 83.80 -23.88
N LEU A 183 23.05 83.05 -24.01
CA LEU A 183 23.83 82.62 -22.86
C LEU A 183 24.56 83.82 -22.24
N PRO A 184 24.39 84.03 -20.92
CA PRO A 184 25.04 85.15 -20.22
C PRO A 184 26.55 85.09 -20.43
N VAL A 185 27.17 86.26 -20.38
CA VAL A 185 28.60 86.37 -20.59
C VAL A 185 29.42 85.48 -19.67
N ARG A 186 29.13 85.53 -18.37
CA ARG A 186 29.88 84.72 -17.41
C ARG A 186 29.89 83.25 -17.79
N GLU A 187 28.72 82.74 -18.15
CA GLU A 187 28.57 81.35 -18.54
C GLU A 187 29.48 80.98 -19.71
N PHE A 188 29.46 81.81 -20.75
CA PHE A 188 30.29 81.53 -21.92
C PHE A 188 31.76 81.40 -21.52
N ILE A 189 32.28 82.36 -20.75
CA ILE A 189 33.66 82.30 -20.31
C ILE A 189 33.90 81.02 -19.53
N ASN A 190 33.01 80.78 -18.57
CA ASN A 190 33.03 79.62 -17.71
C ASN A 190 33.25 78.32 -18.51
N GLY A 191 32.56 78.20 -19.64
CA GLY A 191 32.69 77.02 -20.47
C GLY A 191 34.00 76.97 -21.24
N MET A 192 34.59 78.12 -21.52
CA MET A 192 35.84 78.16 -22.26
C MET A 192 36.93 77.44 -21.46
N ALA A 193 36.71 77.29 -20.16
CA ALA A 193 37.68 76.63 -19.32
C ALA A 193 37.82 75.18 -19.76
N GLU A 194 36.68 74.57 -20.11
CA GLU A 194 36.64 73.18 -20.56
C GLU A 194 37.24 73.04 -21.94
N VAL A 195 36.97 74.01 -22.81
CA VAL A 195 37.51 73.97 -24.15
C VAL A 195 39.01 73.97 -24.05
N ILE A 196 39.53 74.95 -23.31
CA ILE A 196 40.96 75.10 -23.11
C ILE A 196 41.52 73.79 -22.55
N LYS A 197 40.85 73.23 -21.55
CA LYS A 197 41.29 71.99 -20.94
C LYS A 197 41.40 70.87 -21.93
N THR A 198 40.38 70.72 -22.78
CA THR A 198 40.37 69.65 -23.77
C THR A 198 41.49 69.76 -24.77
N ALA A 199 41.84 70.99 -25.14
CA ALA A 199 42.91 71.21 -26.09
C ALA A 199 44.25 70.92 -25.43
N ALA A 200 44.41 71.36 -24.18
CA ALA A 200 45.67 71.16 -23.46
C ALA A 200 46.06 69.70 -23.29
N ILE A 201 45.08 68.81 -23.36
CA ILE A 201 45.35 67.38 -23.19
C ILE A 201 45.30 66.66 -24.53
N SER A 202 45.14 67.39 -25.61
CA SER A 202 45.05 66.75 -26.91
C SER A 202 46.01 67.23 -27.99
N SER A 203 46.11 68.55 -28.17
CA SER A 203 46.99 69.08 -29.19
C SER A 203 47.42 70.50 -28.94
N GLU A 204 48.70 70.76 -29.21
CA GLU A 204 49.26 72.10 -29.07
C GLU A 204 48.72 72.92 -30.25
N GLU A 205 48.25 72.24 -31.30
CA GLU A 205 47.70 72.91 -32.48
C GLU A 205 46.39 73.59 -32.11
N GLU A 206 45.44 72.77 -31.68
CA GLU A 206 44.12 73.27 -31.27
C GLU A 206 44.32 74.33 -30.18
N PHE A 207 45.26 74.06 -29.28
CA PHE A 207 45.56 74.96 -28.18
C PHE A 207 46.17 76.26 -28.67
N THR A 208 46.68 76.28 -29.88
CA THR A 208 47.28 77.49 -30.41
C THR A 208 46.18 78.33 -31.07
N ALA A 209 45.23 77.67 -31.74
CA ALA A 209 44.11 78.37 -32.39
C ALA A 209 43.27 79.01 -31.31
N LEU A 210 43.25 78.39 -30.14
CA LEU A 210 42.50 78.95 -29.03
C LEU A 210 43.18 80.26 -28.64
N GLU A 211 44.51 80.23 -28.54
CA GLU A 211 45.27 81.42 -28.18
C GLU A 211 45.03 82.55 -29.19
N GLU A 212 44.98 82.17 -30.46
CA GLU A 212 44.77 83.14 -31.53
C GLU A 212 43.36 83.73 -31.60
N ASN A 213 42.38 83.03 -31.04
CA ASN A 213 41.00 83.46 -31.09
C ASN A 213 40.50 84.19 -29.85
N ALA A 214 41.35 84.31 -28.84
CA ALA A 214 40.94 84.97 -27.61
C ALA A 214 40.34 86.35 -27.85
N GLU A 215 41.12 87.20 -28.53
CA GLU A 215 40.70 88.58 -28.79
C GLU A 215 39.34 88.62 -29.47
N THR A 216 39.26 87.96 -30.62
CA THR A 216 38.04 87.93 -31.40
C THR A 216 36.84 87.30 -30.70
N ILE A 217 37.04 86.13 -30.13
CA ILE A 217 35.95 85.45 -29.43
C ILE A 217 35.43 86.31 -28.29
N LEU A 218 36.32 86.76 -27.41
CA LEU A 218 35.91 87.55 -26.26
C LEU A 218 35.26 88.90 -26.62
N LYS A 219 35.65 89.49 -27.76
CA LYS A 219 35.05 90.75 -28.19
C LYS A 219 33.59 90.54 -28.64
N ALA A 220 33.35 89.41 -29.31
CA ALA A 220 32.02 89.08 -29.80
C ALA A 220 31.12 88.79 -28.60
N VAL A 221 31.72 88.22 -27.55
CA VAL A 221 31.02 87.86 -26.33
C VAL A 221 30.62 89.05 -25.47
N ARG A 222 31.56 89.97 -25.27
CA ARG A 222 31.30 91.12 -24.43
C ARG A 222 30.46 92.24 -25.04
N ARG A 223 30.38 92.27 -26.37
CA ARG A 223 29.61 93.30 -27.06
C ARG A 223 28.22 93.48 -26.45
N GLU A 224 27.86 94.73 -26.22
CA GLU A 224 26.56 95.08 -25.66
C GLU A 224 25.51 94.98 -26.76
N VAL A 225 24.51 94.15 -26.51
CA VAL A 225 23.47 93.91 -27.46
C VAL A 225 22.11 94.09 -26.82
N THR A 226 21.07 94.35 -27.62
CA THR A 226 19.68 94.52 -27.16
C THR A 226 19.04 93.11 -27.23
N PRO A 227 18.01 92.86 -26.42
CA PRO A 227 17.34 91.55 -26.48
C PRO A 227 16.90 91.17 -27.90
N GLY A 228 17.22 89.94 -28.30
CA GLY A 228 16.84 89.48 -29.62
C GLY A 228 17.90 89.53 -30.70
N GLU A 229 18.88 90.42 -30.58
CA GLU A 229 19.89 90.47 -31.62
C GLU A 229 21.05 89.55 -31.31
N HIS A 230 21.74 89.12 -32.36
CA HIS A 230 22.85 88.19 -32.23
C HIS A 230 24.25 88.81 -32.16
N ARG A 231 25.23 87.93 -32.01
CA ARG A 231 26.64 88.28 -31.95
C ARG A 231 27.29 87.10 -32.65
N PHE A 232 28.58 86.90 -32.43
CA PHE A 232 29.26 85.76 -33.05
C PHE A 232 29.05 85.82 -34.55
N GLU A 233 28.91 87.04 -35.06
CA GLU A 233 28.73 87.23 -36.48
C GLU A 233 30.11 87.43 -37.10
N GLY A 234 30.46 86.56 -38.05
CA GLY A 234 31.75 86.66 -38.70
C GLY A 234 32.80 85.92 -37.90
N THR A 235 32.34 85.15 -36.93
CA THR A 235 33.22 84.39 -36.07
C THR A 235 32.65 82.99 -35.83
N GLU A 236 31.48 82.73 -36.40
CA GLU A 236 30.86 81.43 -36.22
C GLU A 236 31.65 80.24 -36.72
N GLU A 237 32.29 80.36 -37.88
CA GLU A 237 33.06 79.26 -38.40
C GLU A 237 34.13 78.91 -37.36
N ILE A 238 34.67 79.95 -36.74
CA ILE A 238 35.70 79.81 -35.71
C ILE A 238 35.10 79.06 -34.53
N LEU A 239 33.97 79.56 -34.03
CA LEU A 239 33.26 78.97 -32.89
C LEU A 239 32.94 77.50 -33.11
N LYS A 240 32.25 77.20 -34.21
CA LYS A 240 31.89 75.83 -34.50
C LYS A 240 33.13 74.95 -34.48
N ALA A 241 34.17 75.40 -35.17
CA ALA A 241 35.44 74.67 -35.26
C ALA A 241 36.05 74.30 -33.90
N ARG A 242 36.03 75.26 -32.97
CA ARG A 242 36.58 75.04 -31.64
C ARG A 242 35.69 74.13 -30.83
N ILE A 243 34.38 74.38 -30.84
CA ILE A 243 33.39 73.57 -30.11
C ILE A 243 33.46 72.12 -30.59
N LEU A 244 33.37 71.93 -31.89
CA LEU A 244 33.43 70.60 -32.48
C LEU A 244 34.70 69.84 -32.05
N ALA A 245 35.84 70.53 -32.09
CA ALA A 245 37.12 69.92 -31.73
C ALA A 245 37.07 69.34 -30.32
N SER A 246 36.48 70.10 -29.41
CA SER A 246 36.37 69.66 -28.02
C SER A 246 35.44 68.47 -27.93
N ALA A 247 34.29 68.57 -28.58
CA ALA A 247 33.31 67.50 -28.55
C ALA A 247 33.87 66.22 -29.15
N ARG A 248 34.52 66.34 -30.30
CA ARG A 248 35.09 65.18 -30.97
C ARG A 248 36.13 64.50 -30.09
N HIS A 249 36.95 65.28 -29.40
CA HIS A 249 37.97 64.66 -28.55
C HIS A 249 37.34 63.91 -27.39
N LYS A 250 36.35 64.52 -26.75
CA LYS A 250 35.70 63.85 -25.64
C LYS A 250 35.06 62.56 -26.13
N ALA A 251 34.43 62.63 -27.30
CA ALA A 251 33.77 61.46 -27.87
C ALA A 251 34.78 60.32 -27.99
N TYR A 252 35.94 60.64 -28.54
CA TYR A 252 36.97 59.63 -28.69
C TYR A 252 37.33 59.02 -27.35
N VAL A 253 37.71 59.87 -26.40
CA VAL A 253 38.10 59.39 -25.09
C VAL A 253 37.06 58.47 -24.49
N VAL A 254 35.84 58.99 -24.37
CA VAL A 254 34.72 58.24 -23.80
C VAL A 254 34.55 56.89 -24.48
N SER A 255 34.69 56.85 -25.80
CA SER A 255 34.54 55.59 -26.52
C SER A 255 35.61 54.57 -26.14
N ALA A 256 36.85 55.05 -26.02
CA ALA A 256 37.98 54.20 -25.68
C ALA A 256 38.00 53.73 -24.24
N ASP A 257 37.27 54.42 -23.38
CA ASP A 257 37.23 54.03 -21.97
C ASP A 257 35.96 54.60 -21.36
N GLU A 258 34.83 54.07 -21.82
CA GLU A 258 33.54 54.54 -21.35
C GLU A 258 33.42 54.70 -19.84
N ARG A 259 33.73 53.63 -19.11
CA ARG A 259 33.61 53.68 -17.66
C ARG A 259 34.88 54.06 -16.87
N GLU A 260 35.63 55.02 -17.41
CA GLU A 260 36.83 55.56 -16.77
C GLU A 260 37.60 54.54 -15.99
N GLY A 261 38.38 53.72 -16.68
CA GLY A 261 39.20 52.73 -16.00
C GLY A 261 40.63 53.19 -16.11
N GLY A 262 40.87 54.03 -17.12
CA GLY A 262 42.20 54.56 -17.34
C GLY A 262 42.14 55.83 -18.14
N LEU A 263 42.15 55.69 -19.46
CA LEU A 263 42.15 56.84 -20.34
C LEU A 263 41.31 58.03 -19.87
N ARG A 264 40.01 57.80 -19.68
CA ARG A 264 39.09 58.87 -19.28
C ARG A 264 39.53 59.77 -18.15
N ASN A 265 40.57 59.37 -17.44
CA ASN A 265 41.08 60.19 -16.36
C ASN A 265 41.51 61.54 -16.91
N LEU A 266 42.05 61.53 -18.12
CA LEU A 266 42.56 62.74 -18.76
C LEU A 266 41.57 63.86 -18.90
N LEU A 267 40.30 63.51 -19.05
CA LEU A 267 39.24 64.52 -19.17
C LEU A 267 39.07 65.25 -17.85
N ASN A 268 39.70 64.72 -16.80
CA ASN A 268 39.60 65.32 -15.46
C ASN A 268 40.80 66.20 -15.11
N TRP A 269 41.57 66.60 -16.11
CA TRP A 269 42.70 67.46 -15.84
C TRP A 269 42.18 68.78 -15.25
N GLY A 270 42.76 69.19 -14.12
CA GLY A 270 42.36 70.42 -13.47
C GLY A 270 41.20 70.25 -12.52
N HIS A 271 40.62 69.04 -12.51
CA HIS A 271 39.45 68.78 -11.66
C HIS A 271 39.77 68.18 -10.31
N SER A 272 40.95 67.62 -10.14
CA SER A 272 41.31 67.07 -8.85
C SER A 272 41.30 68.21 -7.86
N ILE A 273 42.02 69.27 -8.21
CA ILE A 273 42.10 70.45 -7.38
C ILE A 273 40.85 71.30 -7.62
N GLY A 274 40.37 71.31 -8.86
CA GLY A 274 39.21 72.09 -9.19
C GLY A 274 37.99 71.71 -8.37
N HIS A 275 37.74 70.41 -8.26
CA HIS A 275 36.59 69.90 -7.50
C HIS A 275 36.74 70.16 -6.01
N ALA A 276 37.96 70.03 -5.52
CA ALA A 276 38.22 70.25 -4.11
C ALA A 276 37.90 71.71 -3.78
N ILE A 277 38.22 72.60 -4.72
CA ILE A 277 37.97 74.02 -4.54
C ILE A 277 36.48 74.33 -4.73
N GLU A 278 35.89 73.71 -5.74
CA GLU A 278 34.49 73.91 -6.07
C GLU A 278 33.56 73.52 -4.93
N ALA A 279 33.93 72.50 -4.19
CA ALA A 279 33.13 72.03 -3.06
C ALA A 279 33.14 73.07 -1.93
N ILE A 280 34.09 73.98 -1.99
CA ILE A 280 34.20 75.01 -0.96
C ILE A 280 33.58 76.31 -1.43
N LEU A 281 33.86 76.69 -2.68
CA LEU A 281 33.37 77.97 -3.20
C LEU A 281 32.09 77.96 -4.01
N THR A 282 31.37 76.85 -4.01
CA THR A 282 30.13 76.79 -4.74
C THR A 282 29.06 77.26 -3.77
N PRO A 283 27.95 77.86 -4.28
CA PRO A 283 27.66 78.10 -5.70
C PRO A 283 28.14 79.47 -6.18
N GLN A 284 28.76 80.24 -5.30
CA GLN A 284 29.25 81.56 -5.66
C GLN A 284 30.20 81.48 -6.85
N ILE A 285 30.98 80.40 -6.92
CA ILE A 285 31.93 80.19 -8.01
C ILE A 285 31.47 79.04 -8.91
N LEU A 286 31.58 79.28 -10.22
CA LEU A 286 31.14 78.29 -11.20
C LEU A 286 32.17 77.21 -11.44
N HIS A 287 31.71 76.11 -12.01
CA HIS A 287 32.55 74.96 -12.31
C HIS A 287 33.76 75.36 -13.13
N GLY A 288 33.53 75.85 -14.35
CA GLY A 288 34.61 76.25 -15.22
C GLY A 288 35.62 77.17 -14.55
N GLU A 289 35.15 78.13 -13.77
CA GLU A 289 36.06 79.04 -13.08
C GLU A 289 36.92 78.30 -12.06
N CYS A 290 36.35 77.30 -11.39
CA CYS A 290 37.10 76.51 -10.42
C CYS A 290 38.10 75.61 -11.13
N VAL A 291 37.68 75.04 -12.26
CA VAL A 291 38.54 74.16 -13.05
C VAL A 291 39.72 74.94 -13.61
N ALA A 292 39.49 76.19 -14.00
CA ALA A 292 40.55 77.04 -14.54
C ALA A 292 41.64 77.18 -13.50
N ILE A 293 41.26 77.42 -12.26
CA ILE A 293 42.24 77.55 -11.19
C ILE A 293 42.84 76.20 -10.90
N GLY A 294 42.06 75.15 -11.13
CA GLY A 294 42.55 73.80 -10.89
C GLY A 294 43.60 73.39 -11.90
N MET A 295 43.42 73.86 -13.14
CA MET A 295 44.35 73.55 -14.22
C MET A 295 45.67 74.23 -13.94
N VAL A 296 45.60 75.47 -13.47
CA VAL A 296 46.80 76.25 -13.16
C VAL A 296 47.61 75.59 -12.04
N LYS A 297 46.93 75.18 -10.97
CA LYS A 297 47.62 74.56 -9.87
C LYS A 297 48.07 73.16 -10.21
N GLU A 298 47.30 72.44 -11.01
CA GLU A 298 47.71 71.09 -11.34
C GLU A 298 48.92 71.16 -12.25
N ALA A 299 48.96 72.20 -13.09
CA ALA A 299 50.07 72.40 -14.01
C ALA A 299 51.31 72.78 -13.19
N GLU A 300 51.12 73.65 -12.21
CA GLU A 300 52.23 74.04 -11.36
C GLU A 300 52.76 72.78 -10.71
N LEU A 301 51.87 71.85 -10.39
CA LEU A 301 52.25 70.59 -9.76
C LEU A 301 53.07 69.71 -10.67
N ALA A 302 52.73 69.73 -11.96
CA ALA A 302 53.45 68.93 -12.93
C ALA A 302 54.87 69.46 -13.08
N ARG A 303 55.04 70.77 -12.97
CA ARG A 303 56.37 71.35 -13.07
C ARG A 303 57.14 71.04 -11.80
N HIS A 304 56.44 71.07 -10.67
CA HIS A 304 57.07 70.78 -9.39
C HIS A 304 57.70 69.39 -9.36
N LEU A 305 57.03 68.46 -10.04
CA LEU A 305 57.48 67.07 -10.11
C LEU A 305 58.49 66.85 -11.24
N GLY A 306 58.76 67.91 -11.98
CA GLY A 306 59.71 67.83 -13.06
C GLY A 306 59.14 67.07 -14.24
N ILE A 307 57.84 67.24 -14.45
CA ILE A 307 57.16 66.58 -15.57
C ILE A 307 56.83 67.63 -16.61
N LEU A 308 56.35 68.78 -16.15
CA LEU A 308 55.95 69.86 -17.05
C LEU A 308 56.94 71.03 -17.06
N LYS A 309 57.20 71.56 -18.25
CA LYS A 309 58.11 72.66 -18.42
C LYS A 309 57.44 73.97 -17.98
N GLY A 310 58.19 74.83 -17.32
CA GLY A 310 57.67 76.10 -16.84
C GLY A 310 57.05 76.97 -17.91
N VAL A 311 57.65 77.01 -19.10
CA VAL A 311 57.12 77.82 -20.19
C VAL A 311 55.69 77.41 -20.54
N ALA A 312 55.38 76.14 -20.27
CA ALA A 312 54.06 75.59 -20.57
C ALA A 312 53.06 76.07 -19.54
N VAL A 313 53.47 76.08 -18.28
CA VAL A 313 52.58 76.53 -17.22
C VAL A 313 52.23 78.00 -17.41
N SER A 314 53.19 78.79 -17.89
CA SER A 314 52.98 80.22 -18.08
C SER A 314 52.28 80.53 -19.37
N ARG A 315 51.87 79.50 -20.10
CA ARG A 315 51.19 79.68 -21.37
C ARG A 315 49.73 79.32 -21.14
N ILE A 316 49.55 78.41 -20.19
CA ILE A 316 48.23 77.96 -19.81
C ILE A 316 47.62 79.14 -19.09
N VAL A 317 48.40 79.74 -18.20
CA VAL A 317 47.93 80.90 -17.44
C VAL A 317 47.54 82.02 -18.38
N LYS A 318 48.46 82.39 -19.27
CA LYS A 318 48.22 83.45 -20.24
C LYS A 318 46.96 83.19 -21.07
N CYS A 319 46.75 81.94 -21.47
CA CYS A 319 45.58 81.57 -22.27
C CYS A 319 44.28 81.72 -21.47
N LEU A 320 44.24 81.11 -20.30
CA LEU A 320 43.07 81.20 -19.44
C LEU A 320 42.77 82.65 -19.12
N ALA A 321 43.81 83.44 -18.89
CA ALA A 321 43.66 84.85 -18.56
C ALA A 321 43.06 85.60 -19.73
N ALA A 322 43.51 85.22 -20.93
CA ALA A 322 43.04 85.84 -22.17
C ALA A 322 41.56 85.65 -22.41
N TYR A 323 40.97 84.68 -21.72
CA TYR A 323 39.56 84.41 -21.87
C TYR A 323 38.71 84.96 -20.76
N GLY A 324 39.32 85.65 -19.82
CA GLY A 324 38.55 86.23 -18.73
C GLY A 324 38.37 85.23 -17.63
N LEU A 325 39.19 84.17 -17.68
CA LEU A 325 39.13 83.15 -16.65
C LEU A 325 40.19 83.41 -15.59
N PRO A 326 39.86 83.14 -14.33
CA PRO A 326 40.81 83.34 -13.22
C PRO A 326 41.95 82.33 -13.25
N THR A 327 43.09 82.72 -12.71
CA THR A 327 44.26 81.86 -12.68
C THR A 327 44.82 81.65 -11.28
N SER A 328 44.14 82.17 -10.27
CA SER A 328 44.58 82.04 -8.88
C SER A 328 43.45 82.37 -7.92
N LEU A 329 43.49 81.77 -6.74
CA LEU A 329 42.47 82.01 -5.73
C LEU A 329 42.50 83.46 -5.24
N LYS A 330 43.53 84.19 -5.66
CA LYS A 330 43.69 85.58 -5.26
C LYS A 330 43.10 86.54 -6.28
N ASP A 331 42.58 86.00 -7.39
CA ASP A 331 42.01 86.83 -8.44
C ASP A 331 41.06 87.89 -7.90
N ALA A 332 41.07 89.06 -8.55
CA ALA A 332 40.22 90.18 -8.18
C ALA A 332 38.74 89.81 -8.09
N ARG A 333 38.13 89.49 -9.23
CA ARG A 333 36.71 89.12 -9.30
C ARG A 333 36.36 88.00 -8.33
N ILE A 334 37.18 86.96 -8.31
CA ILE A 334 36.93 85.83 -7.42
C ILE A 334 37.04 86.21 -5.96
N ARG A 335 37.76 87.29 -5.65
CA ARG A 335 37.91 87.73 -4.26
C ARG A 335 36.63 88.40 -3.79
N LYS A 336 36.10 89.30 -4.60
CA LYS A 336 34.88 89.99 -4.21
C LYS A 336 33.65 89.08 -4.26
N LEU A 337 33.66 88.09 -5.16
CA LEU A 337 32.52 87.18 -5.28
C LEU A 337 32.39 86.21 -4.11
N THR A 338 33.51 85.81 -3.51
CA THR A 338 33.44 84.91 -2.35
C THR A 338 32.95 85.70 -1.15
N ALA A 339 33.35 86.98 -1.11
CA ALA A 339 32.97 87.90 -0.04
C ALA A 339 33.74 87.70 1.26
N GLY A 340 33.81 86.47 1.76
CA GLY A 340 34.54 86.24 2.98
C GLY A 340 34.99 84.80 3.06
N LYS A 341 34.78 84.12 1.95
CA LYS A 341 35.11 82.72 1.82
C LYS A 341 36.55 82.57 1.37
N HIS A 342 37.30 81.73 2.06
CA HIS A 342 38.66 81.43 1.63
C HIS A 342 39.02 80.00 1.90
N CYS A 343 39.79 79.43 1.00
CA CYS A 343 40.18 78.03 1.06
C CYS A 343 41.43 77.75 1.89
N SER A 344 41.28 76.93 2.93
CA SER A 344 42.41 76.57 3.77
C SER A 344 43.07 75.41 3.05
N VAL A 345 44.37 75.26 3.23
CA VAL A 345 45.07 74.16 2.57
C VAL A 345 44.58 72.81 3.10
N ASP A 346 44.33 72.72 4.39
CA ASP A 346 43.86 71.45 4.97
C ASP A 346 42.50 71.06 4.40
N GLN A 347 41.65 72.05 4.17
CA GLN A 347 40.34 71.78 3.63
C GLN A 347 40.44 71.22 2.23
N LEU A 348 41.20 71.88 1.36
CA LEU A 348 41.36 71.42 -0.01
C LEU A 348 41.85 69.97 -0.03
N MET A 349 42.80 69.66 0.84
CA MET A 349 43.32 68.31 0.89
C MET A 349 42.22 67.34 1.26
N PHE A 350 41.42 67.71 2.26
CA PHE A 350 40.32 66.88 2.74
C PHE A 350 39.36 66.54 1.59
N ASN A 351 39.02 67.57 0.83
CA ASN A 351 38.11 67.41 -0.27
C ASN A 351 38.65 66.54 -1.39
N MET A 352 39.97 66.37 -1.44
CA MET A 352 40.58 65.56 -2.50
C MET A 352 40.59 64.10 -2.09
N ALA A 353 40.17 63.85 -0.86
CA ALA A 353 40.11 62.50 -0.36
C ALA A 353 38.93 61.88 -1.07
N LEU A 354 37.92 62.72 -1.29
CA LEU A 354 36.69 62.30 -1.94
C LEU A 354 36.78 62.32 -3.47
N ASP A 355 37.98 62.39 -4.03
CA ASP A 355 38.09 62.41 -5.49
C ASP A 355 37.95 61.04 -6.13
N LYS A 356 36.84 60.86 -6.84
CA LYS A 356 36.51 59.61 -7.52
C LYS A 356 37.63 58.93 -8.33
N LYS A 357 38.71 59.65 -8.64
CA LYS A 357 39.80 59.03 -9.40
C LYS A 357 40.79 58.25 -8.54
N ASN A 358 40.87 58.61 -7.25
CA ASN A 358 41.80 57.97 -6.33
C ASN A 358 41.70 56.46 -6.23
N ASP A 359 42.85 55.81 -6.34
CA ASP A 359 42.94 54.36 -6.22
C ASP A 359 43.10 54.09 -4.72
N GLY A 360 42.00 53.81 -4.06
CA GLY A 360 42.05 53.57 -2.63
C GLY A 360 42.29 54.90 -1.97
N PRO A 361 43.22 54.98 -1.02
CA PRO A 361 43.51 56.24 -0.33
C PRO A 361 44.58 57.03 -1.10
N LYS A 362 44.96 56.53 -2.26
CA LYS A 362 45.99 57.15 -3.10
C LYS A 362 45.49 58.21 -4.08
N LYS A 363 45.50 59.47 -3.68
CA LYS A 363 45.05 60.54 -4.56
C LYS A 363 45.67 60.42 -5.96
N LYS A 364 44.86 60.68 -6.99
CA LYS A 364 45.34 60.62 -8.36
C LYS A 364 44.98 61.92 -9.05
N ILE A 365 45.93 62.41 -9.85
CA ILE A 365 45.81 63.67 -10.61
C ILE A 365 46.33 63.49 -12.02
N VAL A 366 45.81 64.29 -12.94
CA VAL A 366 46.26 64.26 -14.33
C VAL A 366 47.47 65.19 -14.45
N LEU A 367 48.58 64.63 -14.93
CA LEU A 367 49.80 65.42 -15.10
C LEU A 367 50.15 65.50 -16.58
N LEU A 368 50.30 66.71 -17.07
CA LEU A 368 50.66 66.92 -18.48
C LEU A 368 52.18 67.04 -18.51
N SER A 369 52.82 66.38 -19.48
CA SER A 369 54.26 66.47 -19.58
C SER A 369 54.57 67.60 -20.56
N ALA A 370 53.53 68.06 -21.23
CA ALA A 370 53.64 69.13 -22.22
C ALA A 370 52.24 69.45 -22.77
N ILE A 371 52.08 70.67 -23.28
CA ILE A 371 50.79 71.10 -23.85
C ILE A 371 50.33 70.17 -24.97
N GLY A 372 49.23 69.47 -24.73
CA GLY A 372 48.69 68.55 -25.72
C GLY A 372 49.31 67.18 -25.62
N THR A 373 49.92 66.92 -24.46
CA THR A 373 50.58 65.64 -24.22
C THR A 373 50.59 65.25 -22.74
N PRO A 374 49.72 64.32 -22.37
CA PRO A 374 49.65 63.85 -20.99
C PRO A 374 50.90 63.05 -20.64
N TYR A 375 51.22 63.00 -19.35
CA TYR A 375 52.38 62.25 -18.86
C TYR A 375 52.12 60.74 -18.93
N GLU A 376 50.92 60.32 -18.51
CA GLU A 376 50.49 58.92 -18.53
C GLU A 376 49.16 58.92 -19.27
N THR A 377 48.72 57.75 -19.73
CA THR A 377 47.43 57.63 -20.41
C THR A 377 46.36 57.46 -19.34
N ARG A 378 46.63 58.01 -18.15
CA ARG A 378 45.74 57.95 -17.01
C ARG A 378 46.19 58.94 -15.93
N ALA A 379 45.47 58.97 -14.81
CA ALA A 379 45.83 59.88 -13.72
C ALA A 379 46.99 59.26 -13.00
N SER A 380 47.95 60.09 -12.63
CA SER A 380 49.14 59.65 -11.92
C SER A 380 48.95 59.73 -10.42
N VAL A 381 49.56 58.81 -9.70
CA VAL A 381 49.49 58.82 -8.25
C VAL A 381 50.44 59.89 -7.74
N VAL A 382 49.92 60.78 -6.90
CA VAL A 382 50.72 61.86 -6.34
C VAL A 382 50.60 61.87 -4.82
N ALA A 383 51.72 62.14 -4.14
CA ALA A 383 51.76 62.18 -2.69
C ALA A 383 51.20 63.48 -2.13
N ASN A 384 50.66 63.42 -0.92
CA ASN A 384 50.06 64.61 -0.31
C ASN A 384 51.01 65.79 -0.21
N GLU A 385 52.19 65.54 0.34
CA GLU A 385 53.20 66.58 0.52
C GLU A 385 53.47 67.37 -0.77
N ASP A 386 53.46 66.70 -1.91
CA ASP A 386 53.70 67.39 -3.18
C ASP A 386 52.50 68.23 -3.59
N ILE A 387 51.31 67.79 -3.21
CA ILE A 387 50.12 68.53 -3.56
C ILE A 387 50.09 69.80 -2.72
N ARG A 388 50.42 69.66 -1.44
CA ARG A 388 50.42 70.79 -0.54
C ARG A 388 51.29 71.96 -0.99
N VAL A 389 52.39 71.65 -1.68
CA VAL A 389 53.33 72.68 -2.11
C VAL A 389 52.83 73.64 -3.18
N VAL A 390 51.81 73.23 -3.93
CA VAL A 390 51.25 74.11 -4.95
C VAL A 390 49.96 74.72 -4.41
N LEU A 391 49.67 74.46 -3.15
CA LEU A 391 48.48 74.98 -2.51
C LEU A 391 48.83 76.18 -1.63
N PRO B 4 30.45 21.46 -4.90
CA PRO B 4 30.08 22.89 -5.05
C PRO B 4 29.61 23.19 -6.47
N THR B 5 28.37 23.71 -6.60
CA THR B 5 27.80 24.02 -7.90
C THR B 5 28.05 25.43 -8.40
N LYS B 6 28.50 25.53 -9.66
CA LYS B 6 28.79 26.80 -10.31
C LYS B 6 27.85 27.01 -11.49
N ILE B 7 27.11 28.12 -11.43
CA ILE B 7 26.16 28.46 -12.51
C ILE B 7 26.67 29.75 -13.11
N SER B 8 26.75 29.79 -14.44
CA SER B 8 27.22 31.00 -15.10
C SER B 8 26.04 31.82 -15.54
N ILE B 9 26.24 33.13 -15.50
CA ILE B 9 25.20 34.07 -15.88
C ILE B 9 25.88 35.21 -16.64
N LEU B 10 25.34 35.55 -17.80
CA LEU B 10 25.91 36.62 -18.62
C LEU B 10 27.42 36.47 -18.77
N GLY B 11 27.82 35.34 -19.35
CA GLY B 11 29.22 35.05 -19.60
C GLY B 11 30.19 35.03 -18.43
N ARG B 12 29.69 34.94 -17.21
CA ARG B 12 30.58 34.91 -16.04
C ARG B 12 30.09 33.99 -14.95
N GLU B 13 31.04 33.32 -14.30
CA GLU B 13 30.70 32.41 -13.22
C GLU B 13 30.63 33.16 -11.91
N SER B 14 29.58 33.94 -11.73
CA SER B 14 29.42 34.70 -10.51
C SER B 14 28.62 33.90 -9.47
N ILE B 15 28.16 32.71 -9.84
CA ILE B 15 27.39 31.93 -8.89
C ILE B 15 28.07 30.69 -8.36
N ILE B 16 28.34 30.71 -7.05
CA ILE B 16 28.96 29.58 -6.37
C ILE B 16 27.96 29.11 -5.31
N ALA B 17 27.51 27.87 -5.44
CA ALA B 17 26.54 27.32 -4.49
C ALA B 17 27.04 26.08 -3.73
N ASP B 18 26.92 26.14 -2.40
CA ASP B 18 27.36 25.05 -1.54
C ASP B 18 26.89 25.38 -0.12
N PHE B 19 27.19 24.48 0.81
CA PHE B 19 26.82 24.64 2.20
C PHE B 19 28.04 25.04 3.04
N GLY B 20 27.91 26.14 3.77
CA GLY B 20 28.99 26.61 4.61
C GLY B 20 29.93 27.59 3.93
N LEU B 21 29.48 28.22 2.84
CA LEU B 21 30.31 29.18 2.12
C LEU B 21 30.67 30.36 3.00
N TRP B 22 29.66 30.94 3.64
CA TRP B 22 29.83 32.09 4.52
C TRP B 22 30.94 31.85 5.53
N ARG B 23 30.82 30.76 6.27
CA ARG B 23 31.80 30.44 7.29
C ARG B 23 33.19 30.19 6.75
N ASN B 24 33.29 29.52 5.60
CA ASN B 24 34.61 29.22 5.10
C ASN B 24 34.86 29.26 3.59
N TYR B 25 34.74 30.43 2.99
CA TYR B 25 35.01 30.56 1.55
C TYR B 25 34.82 31.99 1.05
N VAL B 26 33.71 32.60 1.42
CA VAL B 26 33.40 33.95 1.00
C VAL B 26 34.47 34.93 1.44
N ALA B 27 34.88 34.85 2.71
CA ALA B 27 35.92 35.73 3.24
C ALA B 27 37.18 35.70 2.37
N LYS B 28 37.69 34.49 2.11
CA LYS B 28 38.88 34.28 1.29
C LYS B 28 38.69 34.72 -0.17
N ASP B 29 37.70 34.14 -0.84
CA ASP B 29 37.39 34.45 -2.24
C ASP B 29 37.28 35.95 -2.50
N LEU B 30 36.62 36.67 -1.60
CA LEU B 30 36.47 38.11 -1.72
C LEU B 30 37.80 38.85 -1.81
N ILE B 31 38.73 38.48 -0.94
CA ILE B 31 40.03 39.13 -0.91
C ILE B 31 40.93 38.78 -2.08
N SER B 32 40.67 37.65 -2.73
CA SER B 32 41.49 37.25 -3.85
C SER B 32 40.90 37.64 -5.19
N ASP B 33 39.59 37.47 -5.35
CA ASP B 33 38.90 37.80 -6.62
C ASP B 33 38.27 39.19 -6.64
N CYS B 34 38.26 39.85 -5.49
CA CYS B 34 37.70 41.20 -5.40
C CYS B 34 38.68 42.10 -4.67
N SER B 35 39.91 42.12 -5.16
CA SER B 35 40.97 42.94 -4.60
C SER B 35 40.46 44.34 -4.33
N SER B 36 40.68 44.84 -3.12
CA SER B 36 40.25 46.18 -2.74
C SER B 36 40.81 46.56 -1.38
N THR B 37 40.75 47.85 -1.08
CA THR B 37 41.25 48.38 0.19
C THR B 37 40.06 48.60 1.10
N THR B 38 38.87 48.56 0.52
CA THR B 38 37.67 48.80 1.28
C THR B 38 36.56 47.84 0.91
N TYR B 39 35.92 47.30 1.95
CA TYR B 39 34.79 46.39 1.83
C TYR B 39 33.66 46.84 2.75
N VAL B 40 32.48 47.03 2.18
CA VAL B 40 31.33 47.45 2.98
C VAL B 40 30.25 46.38 3.07
N LEU B 41 30.02 45.95 4.30
CA LEU B 41 29.03 44.94 4.57
C LEU B 41 27.72 45.60 4.96
N VAL B 42 26.66 45.25 4.24
CA VAL B 42 25.34 45.80 4.52
C VAL B 42 24.43 44.64 4.91
N THR B 43 23.63 44.85 5.95
CA THR B 43 22.72 43.83 6.42
C THR B 43 21.84 44.47 7.48
N ASP B 44 20.82 43.77 7.97
CA ASP B 44 19.99 44.36 9.02
C ASP B 44 20.38 43.79 10.37
N THR B 45 19.79 44.34 11.42
CA THR B 45 20.06 43.93 12.79
C THR B 45 19.82 42.44 13.05
N ASN B 46 18.77 41.87 12.44
CA ASN B 46 18.42 40.47 12.62
C ASN B 46 19.46 39.52 12.03
N ILE B 47 19.83 39.73 10.79
CA ILE B 47 20.82 38.88 10.14
C ILE B 47 22.22 39.15 10.68
N GLY B 48 22.48 40.40 11.05
CA GLY B 48 23.80 40.76 11.53
C GLY B 48 24.27 40.11 12.82
N SER B 49 23.45 40.20 13.86
CA SER B 49 23.80 39.63 15.15
C SER B 49 24.06 38.13 15.06
N ILE B 50 23.41 37.48 14.10
CA ILE B 50 23.57 36.04 13.90
C ILE B 50 24.73 35.65 12.99
N TYR B 51 24.98 36.50 11.96
CA TYR B 51 25.98 36.08 10.96
C TYR B 51 27.22 36.97 10.75
N THR B 52 27.19 38.24 11.15
CA THR B 52 28.38 39.08 10.87
C THR B 52 29.61 38.76 11.72
N PRO B 53 29.43 38.46 13.02
CA PRO B 53 30.56 38.14 13.88
C PRO B 53 31.51 37.14 13.23
N SER B 54 31.00 35.96 12.89
CA SER B 54 31.79 34.92 12.25
C SER B 54 32.58 35.43 11.04
N PHE B 55 31.97 36.35 10.29
CA PHE B 55 32.61 36.89 9.10
C PHE B 55 33.78 37.83 9.42
N GLU B 56 33.59 38.70 10.40
CA GLU B 56 34.66 39.63 10.76
C GLU B 56 35.96 38.88 11.00
N GLU B 57 35.86 37.74 11.68
CA GLU B 57 37.03 36.92 11.97
C GLU B 57 37.56 36.27 10.69
N ALA B 58 36.66 35.68 9.91
CA ALA B 58 37.07 35.04 8.67
C ALA B 58 37.78 36.07 7.80
N PHE B 59 37.37 37.33 7.96
CA PHE B 59 37.92 38.42 7.18
C PHE B 59 39.35 38.77 7.61
N ARG B 60 39.51 39.11 8.89
CA ARG B 60 40.80 39.47 9.45
C ARG B 60 41.80 38.38 9.08
N LYS B 61 41.38 37.13 9.29
CA LYS B 61 42.22 35.99 9.01
C LYS B 61 42.77 36.00 7.58
N ARG B 62 41.91 36.16 6.58
CA ARG B 62 42.39 36.17 5.19
C ARG B 62 42.97 37.50 4.74
N ALA B 63 42.80 38.53 5.55
CA ALA B 63 43.31 39.85 5.22
C ALA B 63 44.61 40.13 5.93
N ALA B 64 44.94 39.26 6.87
CA ALA B 64 46.16 39.39 7.64
C ALA B 64 47.35 39.22 6.71
N GLU B 65 47.18 38.29 5.76
CA GLU B 65 48.18 37.92 4.78
C GLU B 65 48.37 38.89 3.61
N ILE B 66 47.41 39.78 3.40
CA ILE B 66 47.53 40.73 2.31
C ILE B 66 48.12 42.05 2.79
N THR B 67 49.07 42.57 2.00
CA THR B 67 49.77 43.81 2.30
C THR B 67 49.59 44.92 1.25
N PRO B 68 49.03 46.08 1.67
CA PRO B 68 48.59 46.35 3.05
C PRO B 68 47.22 45.70 3.31
N SER B 69 46.83 45.63 4.58
CA SER B 69 45.55 45.00 4.93
C SER B 69 44.35 45.89 4.65
N PRO B 70 43.38 45.38 3.87
CA PRO B 70 42.17 46.14 3.55
C PRO B 70 41.32 46.29 4.81
N ARG B 71 40.13 46.87 4.67
CA ARG B 71 39.29 47.06 5.83
C ARG B 71 37.87 46.58 5.61
N LEU B 72 37.16 46.31 6.70
CA LEU B 72 35.75 45.88 6.66
C LEU B 72 34.94 46.90 7.44
N LEU B 73 33.83 47.33 6.86
CA LEU B 73 32.93 48.29 7.50
C LEU B 73 31.55 47.67 7.42
N ILE B 74 30.87 47.63 8.56
CA ILE B 74 29.56 47.02 8.61
C ILE B 74 28.45 48.05 8.80
N TYR B 75 27.46 48.00 7.94
CA TYR B 75 26.34 48.90 8.06
C TYR B 75 25.12 48.04 8.39
N ASN B 76 24.36 48.45 9.39
CA ASN B 76 23.17 47.72 9.82
C ASN B 76 21.94 48.60 9.75
N ARG B 77 20.96 48.18 8.97
CA ARG B 77 19.73 48.94 8.81
C ARG B 77 18.52 48.20 9.38
N PRO B 78 17.43 48.92 9.66
CA PRO B 78 16.21 48.34 10.22
C PRO B 78 15.61 47.28 9.29
N PRO B 79 15.61 46.02 9.72
CA PRO B 79 15.05 44.96 8.87
C PRO B 79 13.59 45.27 8.49
N GLY B 80 13.22 44.89 7.26
CA GLY B 80 11.87 45.12 6.78
C GLY B 80 11.81 45.73 5.38
N GLU B 81 10.73 45.45 4.66
CA GLU B 81 10.53 46.00 3.31
C GLU B 81 10.32 47.51 3.42
N VAL B 82 10.62 48.06 4.60
CA VAL B 82 10.46 49.48 4.88
C VAL B 82 11.79 50.23 4.75
N SER B 83 12.87 49.49 4.51
CA SER B 83 14.17 50.12 4.37
C SER B 83 14.55 50.23 2.93
N LYS B 84 13.71 49.67 2.06
CA LYS B 84 13.96 49.77 0.63
C LYS B 84 13.39 51.10 0.20
N SER B 85 14.07 52.18 0.57
CA SER B 85 13.65 53.54 0.26
C SER B 85 14.78 54.51 -0.07
N ARG B 86 14.39 55.73 -0.39
CA ARG B 86 15.33 56.77 -0.73
C ARG B 86 16.16 57.18 0.46
N GLN B 87 15.49 57.35 1.60
CA GLN B 87 16.24 57.75 2.78
C GLN B 87 17.32 56.74 3.16
N THR B 88 16.97 55.47 3.29
CA THR B 88 17.98 54.49 3.68
C THR B 88 19.13 54.48 2.69
N LYS B 89 18.80 54.52 1.40
CA LYS B 89 19.84 54.53 0.38
C LYS B 89 20.69 55.79 0.50
N ALA B 90 20.11 56.85 1.04
CA ALA B 90 20.80 58.10 1.21
C ALA B 90 21.75 58.00 2.39
N ASP B 91 21.25 57.49 3.51
CA ASP B 91 22.08 57.35 4.71
C ASP B 91 23.26 56.44 4.39
N ILE B 92 22.98 55.32 3.75
CA ILE B 92 24.03 54.37 3.41
C ILE B 92 25.14 55.02 2.58
N GLU B 93 24.74 55.86 1.61
CA GLU B 93 25.69 56.53 0.73
C GLU B 93 26.46 57.56 1.53
N ASP B 94 25.75 58.38 2.29
CA ASP B 94 26.44 59.37 3.10
C ASP B 94 27.41 58.67 4.04
N TRP B 95 26.91 57.66 4.75
CA TRP B 95 27.73 56.89 5.68
C TRP B 95 29.05 56.53 5.02
N MET B 96 28.97 55.81 3.91
CA MET B 96 30.16 55.42 3.18
C MET B 96 31.08 56.58 2.86
N LEU B 97 30.47 57.71 2.52
CA LEU B 97 31.25 58.90 2.17
C LEU B 97 31.95 59.54 3.36
N SER B 98 31.34 59.40 4.54
CA SER B 98 31.88 59.98 5.78
C SER B 98 33.08 59.19 6.31
N GLN B 99 33.19 57.94 5.89
CA GLN B 99 34.28 57.09 6.31
C GLN B 99 35.64 57.76 6.19
N ASN B 100 36.57 57.36 7.07
CA ASN B 100 37.91 57.91 7.08
C ASN B 100 38.98 56.84 6.92
N PRO B 101 39.54 56.72 5.71
CA PRO B 101 39.20 57.54 4.54
C PRO B 101 37.82 57.22 3.97
N PRO B 102 37.34 58.02 3.01
CA PRO B 102 36.03 57.74 2.43
C PRO B 102 36.10 56.43 1.65
N CYS B 103 34.93 55.86 1.34
CA CYS B 103 34.85 54.61 0.56
C CYS B 103 34.96 55.00 -0.91
N GLY B 104 36.05 54.61 -1.56
CA GLY B 104 36.26 54.94 -2.97
C GLY B 104 35.73 53.97 -3.99
N ARG B 105 35.88 54.30 -5.27
CA ARG B 105 35.42 53.47 -6.38
C ARG B 105 35.98 52.04 -6.38
N ASP B 106 36.86 51.73 -5.43
CA ASP B 106 37.42 50.39 -5.37
C ASP B 106 36.68 49.61 -4.31
N THR B 107 35.73 50.28 -3.67
CA THR B 107 34.93 49.67 -2.63
C THR B 107 34.21 48.46 -3.19
N VAL B 108 34.18 47.41 -2.39
CA VAL B 108 33.49 46.18 -2.75
C VAL B 108 32.40 46.04 -1.69
N VAL B 109 31.16 46.20 -2.14
CA VAL B 109 30.01 46.10 -1.26
C VAL B 109 29.42 44.71 -1.17
N ILE B 110 29.20 44.28 0.07
CA ILE B 110 28.66 42.96 0.33
C ILE B 110 27.22 43.04 0.80
N ALA B 111 26.31 42.46 0.01
CA ALA B 111 24.89 42.42 0.34
C ALA B 111 24.58 41.14 1.11
N LEU B 112 24.46 41.28 2.43
CA LEU B 112 24.17 40.13 3.28
C LEU B 112 22.74 40.18 3.77
N GLY B 113 21.82 39.58 3.03
CA GLY B 113 20.44 39.61 3.44
C GLY B 113 19.54 39.08 2.35
N GLY B 114 18.23 39.27 2.53
CA GLY B 114 17.27 38.80 1.54
C GLY B 114 17.09 39.79 0.40
N GLY B 115 15.87 39.86 -0.13
CA GLY B 115 15.58 40.75 -1.24
C GLY B 115 15.64 42.22 -0.88
N VAL B 116 15.28 42.56 0.35
CA VAL B 116 15.32 43.96 0.75
C VAL B 116 16.76 44.44 0.75
N ILE B 117 17.59 43.79 1.55
CA ILE B 117 18.98 44.20 1.63
C ILE B 117 19.69 44.02 0.29
N GLY B 118 19.27 43.03 -0.47
CA GLY B 118 19.89 42.81 -1.76
C GLY B 118 19.55 43.93 -2.72
N ASP B 119 18.26 44.22 -2.89
CA ASP B 119 17.83 45.27 -3.80
C ASP B 119 18.42 46.60 -3.41
N LEU B 120 18.43 46.87 -2.11
CA LEU B 120 18.94 48.14 -1.61
C LEU B 120 20.45 48.27 -1.81
N THR B 121 21.18 47.31 -1.26
CA THR B 121 22.62 47.30 -1.37
C THR B 121 23.08 47.38 -2.82
N GLY B 122 22.47 46.59 -3.68
CA GLY B 122 22.85 46.60 -5.09
C GLY B 122 22.60 47.92 -5.79
N PHE B 123 21.54 48.61 -5.39
CA PHE B 123 21.22 49.89 -6.00
C PHE B 123 22.23 50.95 -5.54
N VAL B 124 22.54 50.96 -4.25
CA VAL B 124 23.51 51.91 -3.72
C VAL B 124 24.83 51.75 -4.46
N ALA B 125 25.22 50.50 -4.67
CA ALA B 125 26.47 50.16 -5.36
C ALA B 125 26.48 50.61 -6.82
N SER B 126 25.31 50.57 -7.46
CA SER B 126 25.19 50.95 -8.86
C SER B 126 25.41 52.43 -9.09
N THR B 127 25.06 53.25 -8.10
CA THR B 127 25.20 54.70 -8.23
C THR B 127 26.26 55.34 -7.35
N TYR B 128 26.91 54.56 -6.49
CA TYR B 128 27.94 55.12 -5.61
C TYR B 128 29.11 55.58 -6.44
N MET B 129 29.33 56.89 -6.47
CA MET B 129 30.41 57.46 -7.26
C MET B 129 30.32 56.98 -8.70
N ARG B 130 29.08 56.67 -9.10
CA ARG B 130 28.70 56.18 -10.43
C ARG B 130 28.93 54.71 -10.65
N GLY B 131 29.16 53.96 -9.57
CA GLY B 131 29.36 52.53 -9.73
C GLY B 131 30.55 51.87 -9.07
N VAL B 132 30.27 50.98 -8.13
CA VAL B 132 31.31 50.22 -7.44
C VAL B 132 30.92 48.73 -7.50
N ARG B 133 31.87 47.84 -7.26
CA ARG B 133 31.57 46.40 -7.29
C ARG B 133 30.78 45.99 -6.05
N TYR B 134 30.06 44.88 -6.17
CA TYR B 134 29.32 44.37 -5.04
C TYR B 134 29.04 42.89 -5.24
N VAL B 135 28.72 42.21 -4.14
CA VAL B 135 28.42 40.78 -4.19
C VAL B 135 27.15 40.49 -3.42
N GLN B 136 26.50 39.40 -3.77
CA GLN B 136 25.25 38.98 -3.14
C GLN B 136 25.44 37.75 -2.28
N VAL B 137 24.97 37.84 -1.04
CA VAL B 137 25.03 36.75 -0.09
C VAL B 137 23.60 36.56 0.38
N PRO B 138 22.75 36.00 -0.49
CA PRO B 138 21.34 35.75 -0.19
C PRO B 138 21.15 34.86 1.02
N THR B 139 20.51 35.41 2.05
CA THR B 139 20.27 34.67 3.27
C THR B 139 18.84 34.10 3.38
N THR B 140 17.98 34.36 2.39
CA THR B 140 16.59 33.88 2.43
C THR B 140 16.39 32.98 1.26
N LEU B 141 15.25 32.30 1.22
CA LEU B 141 15.00 31.41 0.11
C LEU B 141 14.72 32.21 -1.15
N LEU B 142 13.87 33.23 -1.01
CA LEU B 142 13.48 34.08 -2.13
C LEU B 142 14.69 34.73 -2.79
N ALA B 143 15.66 35.13 -1.99
CA ALA B 143 16.85 35.78 -2.51
C ALA B 143 17.81 34.80 -3.14
N MET B 144 17.73 33.54 -2.71
CA MET B 144 18.60 32.48 -3.22
C MET B 144 18.16 31.94 -4.55
N VAL B 145 16.84 31.75 -4.69
CA VAL B 145 16.28 31.23 -5.93
C VAL B 145 15.80 32.32 -6.90
N ASP B 146 15.90 33.60 -6.50
CA ASP B 146 15.42 34.67 -7.37
C ASP B 146 16.09 36.05 -7.30
N SER B 147 15.77 36.81 -6.25
CA SER B 147 16.28 38.16 -6.09
C SER B 147 17.79 38.39 -6.20
N SER B 148 18.63 37.51 -5.68
CA SER B 148 20.06 37.77 -5.78
C SER B 148 20.63 37.60 -7.20
N ILE B 149 19.95 36.81 -8.02
CA ILE B 149 20.41 36.56 -9.38
C ILE B 149 19.79 37.53 -10.38
N GLY B 150 20.55 37.94 -11.38
CA GLY B 150 19.99 38.82 -12.40
C GLY B 150 20.38 40.28 -12.47
N GLY B 151 20.95 40.81 -11.39
CA GLY B 151 21.35 42.21 -11.36
C GLY B 151 20.26 43.26 -11.29
N LYS B 152 19.04 42.88 -10.93
CA LYS B 152 17.95 43.85 -10.78
C LYS B 152 17.94 44.38 -9.37
N THR B 153 17.87 45.70 -9.25
CA THR B 153 17.85 46.33 -7.94
C THR B 153 16.92 47.53 -8.02
N ALA B 154 16.41 47.95 -6.87
CA ALA B 154 15.50 49.08 -6.83
C ALA B 154 15.05 49.42 -5.41
N ILE B 155 14.28 50.49 -5.32
CA ILE B 155 13.71 50.93 -4.06
C ILE B 155 12.25 51.29 -4.29
N ASP B 156 11.50 51.45 -3.21
CA ASP B 156 10.10 51.79 -3.33
C ASP B 156 9.84 53.27 -3.11
N THR B 157 8.82 53.78 -3.78
CA THR B 157 8.41 55.18 -3.62
C THR B 157 6.95 55.05 -3.19
N PRO B 158 6.43 56.09 -2.52
CA PRO B 158 5.05 56.12 -2.06
C PRO B 158 3.99 55.54 -3.01
N LEU B 159 4.27 55.54 -4.32
CA LEU B 159 3.31 55.04 -5.32
C LEU B 159 3.30 53.53 -5.58
N GLY B 160 4.47 52.92 -5.62
CA GLY B 160 4.49 51.50 -5.88
C GLY B 160 5.78 50.83 -5.47
N LYS B 161 5.96 49.62 -6.00
CA LYS B 161 7.13 48.80 -5.73
C LYS B 161 8.17 48.87 -6.86
N ASN B 162 9.44 48.87 -6.47
CA ASN B 162 10.57 48.93 -7.38
C ASN B 162 10.34 49.88 -8.55
N LEU B 163 10.01 51.13 -8.25
CA LEU B 163 9.79 52.11 -9.31
C LEU B 163 11.09 52.80 -9.72
N ILE B 164 12.03 52.87 -8.80
CA ILE B 164 13.33 53.47 -9.06
C ILE B 164 14.41 52.45 -8.73
N GLY B 165 15.33 52.27 -9.67
CA GLY B 165 16.40 51.30 -9.46
C GLY B 165 17.38 51.27 -10.61
N ALA B 166 18.15 50.18 -10.68
CA ALA B 166 19.13 50.01 -11.75
C ALA B 166 19.49 48.54 -11.98
N ILE B 167 19.98 48.26 -13.17
CA ILE B 167 20.41 46.92 -13.53
C ILE B 167 21.93 46.92 -13.42
N TRP B 168 22.38 46.47 -12.26
CA TRP B 168 23.78 46.44 -11.92
C TRP B 168 24.14 45.00 -11.56
N GLN B 169 24.92 44.34 -12.40
CA GLN B 169 25.29 42.96 -12.12
C GLN B 169 26.33 42.85 -11.01
N PRO B 170 26.08 41.99 -10.03
CA PRO B 170 27.00 41.76 -8.92
C PRO B 170 28.20 40.97 -9.43
N THR B 171 29.38 41.21 -8.86
CA THR B 171 30.59 40.52 -9.29
C THR B 171 30.59 39.03 -8.90
N LYS B 172 30.03 38.74 -7.74
CA LYS B 172 29.95 37.38 -7.21
C LYS B 172 28.59 37.21 -6.55
N ILE B 173 28.11 35.97 -6.50
CA ILE B 173 26.82 35.61 -5.87
C ILE B 173 27.05 34.29 -5.13
N TYR B 174 27.06 34.38 -3.81
CA TYR B 174 27.30 33.22 -2.96
C TYR B 174 26.04 32.67 -2.36
N ILE B 175 25.62 31.51 -2.86
CA ILE B 175 24.41 30.88 -2.34
C ILE B 175 24.79 29.84 -1.29
N ASP B 176 24.63 30.21 -0.02
CA ASP B 176 24.96 29.32 1.09
C ASP B 176 23.69 28.75 1.74
N LEU B 177 23.38 27.51 1.44
CA LEU B 177 22.18 26.87 1.98
C LEU B 177 22.10 26.86 3.50
N GLU B 178 23.24 27.00 4.14
CA GLU B 178 23.29 26.98 5.60
C GLU B 178 22.46 28.08 6.23
N PHE B 179 22.25 29.18 5.50
CA PHE B 179 21.48 30.31 6.05
C PHE B 179 20.04 29.91 6.34
N LEU B 180 19.52 29.01 5.51
CA LEU B 180 18.13 28.55 5.62
C LEU B 180 17.84 27.97 7.00
N GLU B 181 18.88 27.53 7.69
CA GLU B 181 18.73 26.97 9.03
C GLU B 181 18.04 27.92 9.98
N THR B 182 18.33 29.21 9.89
CA THR B 182 17.71 30.17 10.78
C THR B 182 16.61 31.03 10.19
N LEU B 183 16.29 30.81 8.93
CA LEU B 183 15.24 31.58 8.26
C LEU B 183 13.86 31.24 8.84
N PRO B 184 13.09 32.24 9.27
CA PRO B 184 11.75 32.01 9.83
C PRO B 184 10.86 31.21 8.87
N VAL B 185 9.92 30.47 9.43
CA VAL B 185 9.03 29.65 8.62
C VAL B 185 8.29 30.43 7.53
N ARG B 186 7.67 31.54 7.90
CA ARG B 186 6.92 32.34 6.95
C ARG B 186 7.78 32.70 5.75
N GLU B 187 9.02 33.12 6.01
CA GLU B 187 9.94 33.51 4.95
C GLU B 187 10.20 32.39 3.96
N PHE B 188 10.48 31.21 4.49
CA PHE B 188 10.74 30.06 3.64
C PHE B 188 9.56 29.80 2.69
N ILE B 189 8.35 29.76 3.23
CA ILE B 189 7.15 29.53 2.40
C ILE B 189 7.07 30.64 1.36
N ASN B 190 7.20 31.88 1.83
CA ASN B 190 7.16 33.07 1.01
C ASN B 190 8.04 32.93 -0.24
N GLY B 191 9.25 32.39 -0.07
CA GLY B 191 10.15 32.22 -1.19
C GLY B 191 9.76 31.10 -2.12
N MET B 192 9.04 30.12 -1.59
CA MET B 192 8.59 28.99 -2.40
C MET B 192 7.69 29.47 -3.52
N ALA B 193 7.11 30.64 -3.33
CA ALA B 193 6.23 31.18 -4.35
C ALA B 193 7.03 31.43 -5.63
N GLU B 194 8.27 31.89 -5.45
CA GLU B 194 9.15 32.20 -6.58
C GLU B 194 9.66 30.93 -7.24
N VAL B 195 9.94 29.92 -6.44
CA VAL B 195 10.41 28.65 -6.96
C VAL B 195 9.32 28.09 -7.84
N ILE B 196 8.11 28.00 -7.29
CA ILE B 196 6.97 27.51 -8.02
C ILE B 196 6.79 28.30 -9.33
N LYS B 197 6.86 29.62 -9.22
CA LYS B 197 6.71 30.49 -10.39
C LYS B 197 7.72 30.17 -11.48
N THR B 198 8.98 30.00 -11.07
CA THR B 198 10.05 29.71 -12.03
C THR B 198 9.85 28.38 -12.74
N ALA B 199 9.31 27.41 -12.03
CA ALA B 199 9.05 26.10 -12.61
C ALA B 199 7.88 26.17 -13.59
N ALA B 200 6.84 26.90 -13.19
CA ALA B 200 5.63 27.03 -14.01
C ALA B 200 5.88 27.66 -15.36
N ILE B 201 6.98 28.41 -15.49
CA ILE B 201 7.30 29.07 -16.74
C ILE B 201 8.43 28.37 -17.48
N SER B 202 8.89 27.25 -16.93
CA SER B 202 10.00 26.55 -17.55
C SER B 202 9.79 25.08 -17.86
N SER B 203 9.28 24.32 -16.90
CA SER B 203 9.08 22.89 -17.14
C SER B 203 8.06 22.26 -16.24
N GLU B 204 7.28 21.39 -16.87
CA GLU B 204 6.24 20.62 -16.23
C GLU B 204 6.92 19.59 -15.32
N GLU B 205 8.12 19.16 -15.71
CA GLU B 205 8.88 18.18 -14.93
C GLU B 205 9.20 18.73 -13.55
N GLU B 206 9.82 19.90 -13.54
CA GLU B 206 10.24 20.55 -12.32
C GLU B 206 9.03 20.87 -11.46
N PHE B 207 7.96 21.32 -12.08
CA PHE B 207 6.75 21.64 -11.35
C PHE B 207 6.22 20.40 -10.66
N THR B 208 6.14 19.31 -11.39
CA THR B 208 5.65 18.05 -10.84
C THR B 208 6.55 17.62 -9.68
N ALA B 209 7.85 17.84 -9.83
CA ALA B 209 8.79 17.50 -8.76
C ALA B 209 8.40 18.29 -7.52
N LEU B 210 8.23 19.60 -7.67
CA LEU B 210 7.84 20.47 -6.56
C LEU B 210 6.57 19.99 -5.87
N GLU B 211 5.61 19.52 -6.66
CA GLU B 211 4.36 19.01 -6.09
C GLU B 211 4.62 17.82 -5.16
N GLU B 212 5.51 16.93 -5.60
CA GLU B 212 5.82 15.74 -4.81
C GLU B 212 6.66 16.04 -3.56
N ASN B 213 7.54 17.02 -3.68
CA ASN B 213 8.40 17.44 -2.58
C ASN B 213 7.64 18.16 -1.48
N ALA B 214 6.47 18.68 -1.83
CA ALA B 214 5.62 19.39 -0.88
C ALA B 214 5.71 18.89 0.56
N GLU B 215 5.03 17.80 0.84
CA GLU B 215 4.99 17.23 2.18
C GLU B 215 6.32 17.14 2.91
N THR B 216 7.30 16.52 2.25
CA THR B 216 8.64 16.35 2.83
C THR B 216 9.30 17.68 3.16
N ILE B 217 9.31 18.59 2.19
CA ILE B 217 9.92 19.90 2.39
C ILE B 217 9.23 20.63 3.51
N LEU B 218 7.90 20.69 3.44
CA LEU B 218 7.12 21.41 4.44
C LEU B 218 7.24 20.83 5.85
N LYS B 219 7.40 19.51 5.95
CA LYS B 219 7.56 18.86 7.24
C LYS B 219 8.91 19.23 7.88
N ALA B 220 9.94 19.38 7.05
CA ALA B 220 11.29 19.72 7.51
C ALA B 220 11.41 21.18 7.95
N VAL B 221 10.73 22.07 7.24
CA VAL B 221 10.77 23.49 7.57
C VAL B 221 10.09 23.73 8.92
N ARG B 222 9.02 22.99 9.19
CA ARG B 222 8.27 23.13 10.44
C ARG B 222 8.94 22.43 11.63
N ARG B 223 9.89 21.54 11.32
CA ARG B 223 10.60 20.78 12.35
C ARG B 223 11.31 21.63 13.40
N GLU B 224 11.42 21.08 14.60
CA GLU B 224 12.04 21.74 15.76
C GLU B 224 13.53 22.10 15.65
N VAL B 225 14.38 21.08 15.60
CA VAL B 225 15.85 21.21 15.50
C VAL B 225 16.58 21.65 16.77
N THR B 226 17.57 20.85 17.17
CA THR B 226 18.37 21.11 18.36
C THR B 226 19.74 21.64 17.94
N PRO B 227 20.29 22.60 18.70
CA PRO B 227 21.60 23.22 18.43
C PRO B 227 22.65 22.21 17.95
N GLY B 228 22.65 21.94 16.65
CA GLY B 228 23.61 21.00 16.10
C GLY B 228 23.20 20.44 14.75
N GLU B 229 22.10 19.69 14.74
CA GLU B 229 21.61 19.08 13.51
C GLU B 229 20.99 20.15 12.61
N HIS B 230 21.00 19.89 11.31
CA HIS B 230 20.44 20.84 10.36
C HIS B 230 19.07 20.39 9.86
N ARG B 231 18.10 21.30 9.84
CA ARG B 231 16.79 20.97 9.31
C ARG B 231 17.13 20.50 7.91
N PHE B 232 16.17 19.93 7.21
CA PHE B 232 16.47 19.46 5.85
C PHE B 232 17.37 18.24 5.93
N GLU B 233 17.30 17.56 7.07
CA GLU B 233 18.07 16.34 7.28
C GLU B 233 17.37 15.27 6.48
N GLY B 234 18.00 14.83 5.40
CA GLY B 234 17.41 13.79 4.58
C GLY B 234 16.53 14.34 3.47
N THR B 235 16.58 15.65 3.26
CA THR B 235 15.80 16.29 2.21
C THR B 235 16.64 17.33 1.50
N GLU B 236 17.89 17.46 1.94
CA GLU B 236 18.81 18.41 1.34
C GLU B 236 19.05 18.24 -0.17
N GLU B 237 19.26 17.01 -0.63
CA GLU B 237 19.49 16.77 -2.04
C GLU B 237 18.31 17.30 -2.85
N ILE B 238 17.12 17.12 -2.30
CA ILE B 238 15.90 17.58 -2.93
C ILE B 238 15.90 19.09 -2.95
N LEU B 239 16.20 19.69 -1.80
CA LEU B 239 16.21 21.15 -1.66
C LEU B 239 17.18 21.77 -2.65
N LYS B 240 18.43 21.34 -2.62
CA LYS B 240 19.45 21.86 -3.51
C LYS B 240 19.00 21.74 -4.96
N ALA B 241 18.49 20.56 -5.32
CA ALA B 241 18.00 20.31 -6.67
C ALA B 241 16.94 21.34 -7.11
N ARG B 242 15.97 21.60 -6.23
CA ARG B 242 14.91 22.54 -6.55
C ARG B 242 15.43 23.97 -6.65
N ILE B 243 16.21 24.39 -5.65
CA ILE B 243 16.76 25.75 -5.62
C ILE B 243 17.60 26.01 -6.87
N LEU B 244 18.52 25.10 -7.16
CA LEU B 244 19.38 25.22 -8.33
C LEU B 244 18.61 25.31 -9.63
N ALA B 245 17.54 24.53 -9.75
CA ALA B 245 16.73 24.54 -10.96
C ALA B 245 16.20 25.93 -11.19
N SER B 246 15.73 26.57 -10.12
CA SER B 246 15.16 27.91 -10.22
C SER B 246 16.22 28.91 -10.63
N ALA B 247 17.36 28.86 -9.93
CA ALA B 247 18.49 29.74 -10.18
C ALA B 247 19.03 29.58 -11.61
N ARG B 248 19.22 28.34 -12.04
CA ARG B 248 19.72 28.07 -13.38
C ARG B 248 18.79 28.64 -14.46
N HIS B 249 17.48 28.51 -14.27
CA HIS B 249 16.58 29.03 -15.27
C HIS B 249 16.60 30.55 -15.31
N LYS B 250 16.62 31.19 -14.14
CA LYS B 250 16.67 32.63 -14.15
C LYS B 250 17.96 33.08 -14.86
N ALA B 251 19.07 32.42 -14.56
CA ALA B 251 20.37 32.75 -15.17
C ALA B 251 20.24 32.74 -16.67
N TYR B 252 19.62 31.68 -17.19
CA TYR B 252 19.42 31.56 -18.63
C TYR B 252 18.63 32.75 -19.20
N VAL B 253 17.45 32.98 -18.63
CA VAL B 253 16.59 34.06 -19.11
C VAL B 253 17.34 35.41 -19.07
N VAL B 254 17.89 35.74 -17.90
CA VAL B 254 18.64 36.98 -17.71
C VAL B 254 19.74 37.10 -18.76
N SER B 255 20.45 36.00 -19.00
CA SER B 255 21.50 36.02 -19.98
C SER B 255 20.98 36.44 -21.36
N ALA B 256 19.89 35.81 -21.80
CA ALA B 256 19.31 36.08 -23.13
C ALA B 256 18.64 37.45 -23.33
N ASP B 257 18.26 38.08 -22.22
CA ASP B 257 17.59 39.36 -22.31
C ASP B 257 17.77 40.08 -20.97
N GLU B 258 19.00 40.53 -20.72
CA GLU B 258 19.33 41.23 -19.47
C GLU B 258 18.46 42.42 -19.12
N ARG B 259 18.29 43.36 -20.05
CA ARG B 259 17.48 44.56 -19.80
C ARG B 259 16.00 44.44 -20.15
N GLU B 260 15.47 43.22 -20.06
CA GLU B 260 14.06 42.97 -20.32
C GLU B 260 13.59 43.62 -21.59
N GLY B 261 14.18 43.18 -22.70
CA GLY B 261 13.79 43.67 -24.00
C GLY B 261 12.57 42.85 -24.42
N GLY B 262 12.37 41.72 -23.77
CA GLY B 262 11.24 40.87 -24.08
C GLY B 262 11.09 39.59 -23.27
N LEU B 263 12.04 38.68 -23.45
CA LEU B 263 12.02 37.39 -22.78
C LEU B 263 12.01 37.46 -21.27
N ARG B 264 12.66 38.47 -20.71
CA ARG B 264 12.73 38.60 -19.26
C ARG B 264 11.36 38.83 -18.63
N ASN B 265 10.42 39.26 -19.45
CA ASN B 265 9.07 39.49 -18.96
C ASN B 265 8.56 38.27 -18.21
N LEU B 266 8.91 37.09 -18.72
CA LEU B 266 8.43 35.84 -18.14
C LEU B 266 8.76 35.64 -16.70
N LEU B 267 9.84 36.25 -16.23
CA LEU B 267 10.20 36.12 -14.82
C LEU B 267 9.20 36.89 -13.97
N ASN B 268 8.37 37.68 -14.63
CA ASN B 268 7.38 38.51 -13.95
C ASN B 268 5.99 37.91 -13.92
N TRP B 269 5.89 36.62 -14.21
CA TRP B 269 4.59 35.97 -14.16
C TRP B 269 4.05 36.05 -12.73
N GLY B 270 2.79 36.47 -12.62
CA GLY B 270 2.16 36.62 -11.33
C GLY B 270 2.46 37.95 -10.66
N HIS B 271 3.36 38.73 -11.25
CA HIS B 271 3.76 40.01 -10.67
C HIS B 271 2.97 41.21 -11.12
N SER B 272 2.31 41.11 -12.26
CA SER B 272 1.51 42.22 -12.76
C SER B 272 0.44 42.48 -11.73
N ILE B 273 -0.28 41.43 -11.39
CA ILE B 273 -1.34 41.52 -10.39
C ILE B 273 -0.71 41.45 -8.98
N GLY B 274 0.37 40.69 -8.86
CA GLY B 274 1.02 40.57 -7.58
C GLY B 274 1.50 41.90 -7.04
N HIS B 275 2.16 42.66 -7.90
CA HIS B 275 2.69 43.98 -7.51
C HIS B 275 1.56 44.97 -7.22
N ALA B 276 0.49 44.90 -7.99
CA ALA B 276 -0.63 45.79 -7.80
C ALA B 276 -1.22 45.56 -6.40
N ILE B 277 -1.24 44.30 -6.00
CA ILE B 277 -1.77 43.88 -4.70
C ILE B 277 -0.78 44.21 -3.61
N GLU B 278 0.49 43.96 -3.88
CA GLU B 278 1.55 44.20 -2.90
C GLU B 278 1.67 45.66 -2.51
N ALA B 279 1.37 46.56 -3.43
CA ALA B 279 1.45 47.98 -3.16
C ALA B 279 0.34 48.40 -2.21
N ILE B 280 -0.69 47.56 -2.09
CA ILE B 280 -1.81 47.87 -1.22
C ILE B 280 -1.68 47.18 0.14
N LEU B 281 -1.27 45.91 0.12
CA LEU B 281 -1.16 45.11 1.33
C LEU B 281 0.20 45.00 2.00
N THR B 282 1.16 45.82 1.56
CA THR B 282 2.47 45.79 2.18
C THR B 282 2.42 46.81 3.31
N PRO B 283 3.22 46.60 4.37
CA PRO B 283 4.16 45.50 4.57
C PRO B 283 3.55 44.30 5.30
N GLN B 284 2.28 44.39 5.65
CA GLN B 284 1.61 43.29 6.34
C GLN B 284 1.72 42.00 5.54
N ILE B 285 1.71 42.11 4.21
CA ILE B 285 1.82 40.95 3.34
C ILE B 285 3.14 40.92 2.59
N LEU B 286 3.75 39.74 2.55
CA LEU B 286 5.05 39.59 1.92
C LEU B 286 4.97 39.46 0.41
N HIS B 287 6.11 39.70 -0.23
CA HIS B 287 6.19 39.63 -1.67
C HIS B 287 5.69 38.32 -2.20
N GLY B 288 6.38 37.25 -1.84
CA GLY B 288 5.99 35.92 -2.29
C GLY B 288 4.52 35.59 -2.08
N GLU B 289 3.96 36.02 -0.97
CA GLU B 289 2.55 35.74 -0.69
C GLU B 289 1.67 36.49 -1.69
N CYS B 290 2.04 37.72 -2.01
CA CYS B 290 1.28 38.51 -2.99
C CYS B 290 1.42 37.93 -4.39
N VAL B 291 2.63 37.47 -4.72
CA VAL B 291 2.92 36.89 -6.04
C VAL B 291 2.15 35.59 -6.20
N ALA B 292 2.01 34.84 -5.11
CA ALA B 292 1.27 33.58 -5.15
C ALA B 292 -0.18 33.86 -5.57
N ILE B 293 -0.76 34.92 -5.02
CA ILE B 293 -2.14 35.28 -5.36
C ILE B 293 -2.17 35.85 -6.78
N GLY B 294 -1.07 36.48 -7.17
CA GLY B 294 -1.01 37.06 -8.50
C GLY B 294 -0.90 35.99 -9.56
N MET B 295 -0.24 34.88 -9.23
CA MET B 295 -0.07 33.79 -10.16
C MET B 295 -1.43 33.16 -10.42
N VAL B 296 -2.25 33.11 -9.38
CA VAL B 296 -3.58 32.51 -9.47
C VAL B 296 -4.52 33.38 -10.29
N LYS B 297 -4.47 34.69 -10.07
CA LYS B 297 -5.33 35.57 -10.82
C LYS B 297 -4.89 35.73 -12.25
N GLU B 298 -3.58 35.75 -12.48
CA GLU B 298 -3.08 35.90 -13.84
C GLU B 298 -3.38 34.61 -14.61
N ALA B 299 -3.37 33.49 -13.90
CA ALA B 299 -3.65 32.21 -14.52
C ALA B 299 -5.12 32.20 -14.90
N GLU B 300 -5.96 32.68 -14.00
CA GLU B 300 -7.39 32.71 -14.25
C GLU B 300 -7.66 33.57 -15.46
N LEU B 301 -6.83 34.59 -15.63
CA LEU B 301 -6.93 35.53 -16.75
C LEU B 301 -6.59 34.86 -18.06
N ALA B 302 -5.60 33.96 -18.02
CA ALA B 302 -5.18 33.25 -19.21
C ALA B 302 -6.29 32.27 -19.63
N ARG B 303 -7.01 31.73 -18.68
CA ARG B 303 -8.07 30.79 -19.02
C ARG B 303 -9.19 31.63 -19.59
N HIS B 304 -9.43 32.77 -18.98
CA HIS B 304 -10.48 33.67 -19.42
C HIS B 304 -10.32 34.02 -20.89
N LEU B 305 -9.06 34.22 -21.31
CA LEU B 305 -8.73 34.58 -22.67
C LEU B 305 -8.65 33.38 -23.60
N GLY B 306 -8.90 32.20 -23.03
CA GLY B 306 -8.88 30.97 -23.81
C GLY B 306 -7.48 30.58 -24.20
N ILE B 307 -6.54 30.91 -23.32
CA ILE B 307 -5.13 30.62 -23.53
C ILE B 307 -4.70 29.45 -22.63
N LEU B 308 -5.16 29.49 -21.40
CA LEU B 308 -4.79 28.46 -20.45
C LEU B 308 -5.97 27.56 -20.12
N LYS B 309 -5.68 26.27 -20.00
CA LYS B 309 -6.67 25.25 -19.69
C LYS B 309 -7.05 25.30 -18.20
N GLY B 310 -8.34 25.10 -17.91
CA GLY B 310 -8.80 25.14 -16.53
C GLY B 310 -8.10 24.16 -15.60
N VAL B 311 -7.81 22.97 -16.10
CA VAL B 311 -7.16 21.97 -15.27
C VAL B 311 -5.80 22.47 -14.78
N ALA B 312 -5.19 23.35 -15.56
CA ALA B 312 -3.89 23.92 -15.20
C ALA B 312 -4.05 24.93 -14.08
N VAL B 313 -5.12 25.71 -14.15
CA VAL B 313 -5.41 26.74 -13.15
C VAL B 313 -5.58 26.09 -11.78
N SER B 314 -6.30 24.96 -11.76
CA SER B 314 -6.56 24.22 -10.53
C SER B 314 -5.28 23.64 -9.93
N ARG B 315 -4.41 23.15 -10.81
CA ARG B 315 -3.15 22.53 -10.41
C ARG B 315 -2.18 23.55 -9.84
N ILE B 316 -2.25 24.78 -10.33
CA ILE B 316 -1.40 25.86 -9.84
C ILE B 316 -1.86 26.12 -8.42
N VAL B 317 -3.17 26.30 -8.26
CA VAL B 317 -3.78 26.59 -6.96
C VAL B 317 -3.46 25.50 -5.95
N LYS B 318 -3.64 24.26 -6.35
CA LYS B 318 -3.37 23.14 -5.46
C LYS B 318 -1.92 23.11 -5.04
N CYS B 319 -1.02 23.43 -5.95
CA CYS B 319 0.41 23.43 -5.63
C CYS B 319 0.78 24.54 -4.64
N LEU B 320 0.30 25.75 -4.91
CA LEU B 320 0.56 26.88 -4.04
C LEU B 320 -0.04 26.64 -2.67
N ALA B 321 -1.22 26.01 -2.66
CA ALA B 321 -1.92 25.71 -1.42
C ALA B 321 -1.12 24.71 -0.62
N ALA B 322 -0.58 23.71 -1.30
CA ALA B 322 0.20 22.66 -0.66
C ALA B 322 1.43 23.19 0.04
N TYR B 323 1.86 24.40 -0.32
CA TYR B 323 3.05 24.96 0.30
C TYR B 323 2.72 25.99 1.37
N GLY B 324 1.44 26.18 1.65
CA GLY B 324 1.05 27.12 2.68
C GLY B 324 0.96 28.52 2.14
N LEU B 325 0.86 28.63 0.82
CA LEU B 325 0.74 29.93 0.17
C LEU B 325 -0.73 30.24 -0.14
N PRO B 326 -1.12 31.53 -0.04
CA PRO B 326 -2.49 31.93 -0.31
C PRO B 326 -2.83 31.89 -1.79
N THR B 327 -4.10 31.64 -2.10
CA THR B 327 -4.53 31.55 -3.48
C THR B 327 -5.65 32.53 -3.83
N SER B 328 -6.02 33.41 -2.89
CA SER B 328 -7.06 34.40 -3.12
C SER B 328 -6.98 35.51 -2.09
N LEU B 329 -7.48 36.69 -2.47
CA LEU B 329 -7.48 37.85 -1.57
C LEU B 329 -8.43 37.63 -0.40
N LYS B 330 -9.22 36.56 -0.49
CA LYS B 330 -10.17 36.24 0.57
C LYS B 330 -9.60 35.23 1.57
N ASP B 331 -8.35 34.83 1.35
CA ASP B 331 -7.68 33.87 2.23
C ASP B 331 -7.81 34.24 3.72
N ALA B 332 -7.98 33.23 4.55
CA ALA B 332 -8.11 33.38 5.99
C ALA B 332 -6.99 34.23 6.59
N ARG B 333 -5.77 33.68 6.60
CA ARG B 333 -4.61 34.39 7.16
C ARG B 333 -4.45 35.78 6.57
N ILE B 334 -4.56 35.89 5.26
CA ILE B 334 -4.40 37.18 4.60
C ILE B 334 -5.49 38.15 5.02
N ARG B 335 -6.64 37.63 5.44
CA ARG B 335 -7.73 38.50 5.86
C ARG B 335 -7.43 39.13 7.19
N LYS B 336 -7.01 38.32 8.15
CA LYS B 336 -6.71 38.85 9.47
C LYS B 336 -5.45 39.69 9.49
N LEU B 337 -4.49 39.40 8.62
CA LEU B 337 -3.25 40.17 8.58
C LEU B 337 -3.41 41.59 8.00
N THR B 338 -4.35 41.78 7.09
CA THR B 338 -4.56 43.10 6.52
C THR B 338 -5.32 43.92 7.57
N ALA B 339 -6.18 43.25 8.32
CA ALA B 339 -6.95 43.86 9.39
C ALA B 339 -8.15 44.69 8.92
N GLY B 340 -7.93 45.59 7.98
CA GLY B 340 -9.03 46.40 7.51
C GLY B 340 -8.73 46.89 6.13
N LYS B 341 -7.66 46.34 5.57
CA LYS B 341 -7.23 46.70 4.23
C LYS B 341 -7.87 45.77 3.22
N HIS B 342 -8.41 46.36 2.16
CA HIS B 342 -9.00 45.58 1.08
C HIS B 342 -8.70 46.27 -0.24
N CYS B 343 -8.49 45.46 -1.26
CA CYS B 343 -8.16 45.97 -2.58
C CYS B 343 -9.39 46.24 -3.47
N SER B 344 -9.53 47.48 -3.91
CA SER B 344 -10.63 47.83 -4.78
C SER B 344 -10.15 47.47 -6.19
N VAL B 345 -11.08 47.10 -7.06
CA VAL B 345 -10.69 46.74 -8.43
C VAL B 345 -10.07 47.98 -9.04
N ASP B 346 -10.54 49.14 -8.56
CA ASP B 346 -10.04 50.42 -9.03
C ASP B 346 -8.59 50.64 -8.64
N GLN B 347 -8.26 50.48 -7.36
CA GLN B 347 -6.88 50.67 -6.91
C GLN B 347 -5.93 49.73 -7.62
N LEU B 348 -6.31 48.46 -7.69
CA LEU B 348 -5.51 47.43 -8.35
C LEU B 348 -5.24 47.76 -9.82
N MET B 349 -6.24 48.32 -10.48
CA MET B 349 -6.11 48.71 -11.88
C MET B 349 -5.24 49.96 -11.97
N PHE B 350 -5.38 50.85 -10.99
CA PHE B 350 -4.59 52.07 -10.95
C PHE B 350 -3.12 51.75 -10.77
N ASN B 351 -2.85 50.74 -9.95
CA ASN B 351 -1.48 50.33 -9.68
C ASN B 351 -0.85 49.55 -10.83
N MET B 352 -1.67 48.86 -11.61
CA MET B 352 -1.14 48.10 -12.73
C MET B 352 -0.74 49.03 -13.85
N ALA B 353 -1.21 50.26 -13.76
CA ALA B 353 -0.88 51.25 -14.77
C ALA B 353 0.58 51.58 -14.55
N LEU B 354 1.02 51.32 -13.32
CA LEU B 354 2.38 51.56 -12.90
C LEU B 354 3.30 50.36 -13.13
N ASP B 355 2.80 49.35 -13.85
CA ASP B 355 3.63 48.21 -14.10
C ASP B 355 4.72 48.53 -15.10
N LYS B 356 5.96 48.40 -14.66
CA LYS B 356 7.10 48.72 -15.50
C LYS B 356 7.12 47.95 -16.81
N LYS B 357 6.42 46.82 -16.89
CA LYS B 357 6.40 46.06 -18.13
C LYS B 357 5.54 46.73 -19.19
N ASN B 358 4.54 47.49 -18.74
CA ASN B 358 3.66 48.17 -19.68
C ASN B 358 4.43 48.85 -20.77
N ASP B 359 3.88 48.82 -21.97
CA ASP B 359 4.45 49.47 -23.14
C ASP B 359 3.52 50.65 -23.37
N GLY B 360 3.89 51.80 -22.84
CA GLY B 360 3.03 52.93 -22.96
C GLY B 360 1.87 52.61 -22.02
N PRO B 361 0.63 52.92 -22.43
CA PRO B 361 -0.57 52.65 -21.64
C PRO B 361 -1.12 51.23 -21.82
N LYS B 362 -0.38 50.44 -22.60
CA LYS B 362 -0.76 49.06 -22.84
C LYS B 362 -0.25 48.12 -21.74
N LYS B 363 -1.15 47.64 -20.90
CA LYS B 363 -0.76 46.71 -19.84
C LYS B 363 -0.32 45.34 -20.38
N LYS B 364 0.89 44.94 -19.99
CA LYS B 364 1.47 43.67 -20.38
C LYS B 364 1.53 42.70 -19.19
N ILE B 365 0.92 41.53 -19.36
CA ILE B 365 0.91 40.50 -18.34
C ILE B 365 1.38 39.18 -18.97
N VAL B 366 2.08 38.37 -18.20
CA VAL B 366 2.59 37.09 -18.68
C VAL B 366 1.44 36.09 -18.69
N LEU B 367 1.21 35.52 -19.86
CA LEU B 367 0.14 34.53 -20.03
C LEU B 367 0.73 33.18 -20.33
N LEU B 368 0.39 32.19 -19.51
CA LEU B 368 0.89 30.85 -19.76
C LEU B 368 -0.15 30.09 -20.56
N SER B 369 0.27 29.42 -21.62
CA SER B 369 -0.69 28.65 -22.43
C SER B 369 -0.82 27.24 -21.83
N ALA B 370 0.10 26.91 -20.93
CA ALA B 370 0.12 25.62 -20.26
C ALA B 370 1.26 25.61 -19.25
N ILE B 371 1.18 24.74 -18.24
CA ILE B 371 2.21 24.66 -17.22
C ILE B 371 3.60 24.39 -17.81
N GLY B 372 4.52 25.35 -17.67
CA GLY B 372 5.87 25.20 -18.18
C GLY B 372 5.95 25.62 -19.64
N THR B 373 4.97 26.40 -20.07
CA THR B 373 4.90 26.84 -21.44
C THR B 373 4.19 28.19 -21.59
N PRO B 374 4.97 29.26 -21.74
CA PRO B 374 4.42 30.60 -21.90
C PRO B 374 3.72 30.71 -23.25
N TYR B 375 2.72 31.59 -23.33
CA TYR B 375 1.96 31.85 -24.56
C TYR B 375 2.86 32.55 -25.59
N GLU B 376 3.59 33.57 -25.15
CA GLU B 376 4.51 34.32 -26.00
C GLU B 376 5.87 34.31 -25.29
N THR B 377 6.93 34.65 -26.02
CA THR B 377 8.28 34.72 -25.45
C THR B 377 8.43 36.09 -24.77
N ARG B 378 7.31 36.67 -24.36
CA ARG B 378 7.25 37.96 -23.69
C ARG B 378 5.86 38.16 -23.05
N ALA B 379 5.67 39.33 -22.45
CA ALA B 379 4.39 39.66 -21.83
C ALA B 379 3.43 40.06 -22.93
N SER B 380 2.19 39.60 -22.78
CA SER B 380 1.16 39.87 -23.75
C SER B 380 0.40 41.12 -23.39
N VAL B 381 -0.07 41.82 -24.41
CA VAL B 381 -0.85 43.03 -24.20
C VAL B 381 -2.26 42.57 -23.84
N VAL B 382 -2.77 43.09 -22.73
CA VAL B 382 -4.11 42.72 -22.28
C VAL B 382 -4.94 43.97 -22.03
N ALA B 383 -6.21 43.93 -22.41
CA ALA B 383 -7.12 45.05 -22.22
C ALA B 383 -7.65 45.13 -20.80
N ASN B 384 -7.94 46.35 -20.35
CA ASN B 384 -8.43 46.57 -18.98
C ASN B 384 -9.64 45.74 -18.62
N GLU B 385 -10.66 45.77 -19.46
CA GLU B 385 -11.90 45.02 -19.22
C GLU B 385 -11.65 43.55 -18.89
N ASP B 386 -10.71 42.92 -19.60
CA ASP B 386 -10.38 41.51 -19.35
C ASP B 386 -9.70 41.33 -17.97
N ILE B 387 -8.91 42.32 -17.57
CA ILE B 387 -8.21 42.24 -16.29
C ILE B 387 -9.23 42.31 -15.17
N ARG B 388 -10.13 43.29 -15.29
CA ARG B 388 -11.18 43.53 -14.29
C ARG B 388 -12.03 42.32 -14.00
N VAL B 389 -12.29 41.49 -15.00
CA VAL B 389 -13.12 40.30 -14.80
C VAL B 389 -12.55 39.30 -13.79
N VAL B 390 -11.23 39.22 -13.68
CA VAL B 390 -10.65 38.26 -12.74
C VAL B 390 -10.33 38.94 -11.42
N LEU B 391 -10.59 40.24 -11.33
CA LEU B 391 -10.31 40.97 -10.10
C LEU B 391 -11.57 41.21 -9.26
N PRO C 4 -30.09 -125.47 20.99
CA PRO C 4 -29.74 -124.08 20.59
C PRO C 4 -30.42 -123.66 19.29
N THR C 5 -31.71 -123.34 19.39
CA THR C 5 -32.51 -122.95 18.22
C THR C 5 -32.30 -121.53 17.68
N LYS C 6 -32.34 -121.42 16.36
CA LYS C 6 -32.19 -120.13 15.67
C LYS C 6 -33.31 -119.88 14.68
N ILE C 7 -33.71 -118.61 14.58
CA ILE C 7 -34.73 -118.22 13.64
C ILE C 7 -34.16 -117.07 12.80
N SER C 8 -34.53 -117.05 11.53
CA SER C 8 -34.08 -115.99 10.66
C SER C 8 -35.23 -114.99 10.58
N ILE C 9 -34.89 -113.73 10.40
CA ILE C 9 -35.88 -112.66 10.26
C ILE C 9 -35.26 -111.60 9.37
N LEU C 10 -36.01 -111.15 8.39
CA LEU C 10 -35.52 -110.13 7.48
C LEU C 10 -34.16 -110.52 6.90
N GLY C 11 -34.05 -111.78 6.48
CA GLY C 11 -32.84 -112.30 5.87
C GLY C 11 -31.62 -112.68 6.70
N ARG C 12 -31.68 -112.57 8.03
CA ARG C 12 -30.54 -112.91 8.88
C ARG C 12 -30.92 -113.73 10.12
N GLU C 13 -30.10 -114.71 10.50
CA GLU C 13 -30.36 -115.52 11.69
C GLU C 13 -29.92 -114.80 12.95
N SER C 14 -30.67 -113.75 13.31
CA SER C 14 -30.33 -112.99 14.52
C SER C 14 -31.01 -113.45 15.81
N ILE C 15 -32.11 -114.20 15.71
CA ILE C 15 -32.82 -114.74 16.88
C ILE C 15 -32.18 -116.07 17.31
N ILE C 16 -31.67 -116.11 18.53
CA ILE C 16 -31.05 -117.32 19.07
C ILE C 16 -31.81 -117.68 20.34
N ALA C 17 -32.43 -118.86 20.33
CA ALA C 17 -33.21 -119.32 21.48
C ALA C 17 -32.68 -120.59 22.14
N ASP C 18 -32.52 -120.52 23.46
CA ASP C 18 -32.01 -121.66 24.21
C ASP C 18 -32.10 -121.32 25.68
N PHE C 19 -31.69 -122.26 26.52
CA PHE C 19 -31.74 -122.03 27.95
C PHE C 19 -30.34 -121.78 28.46
N GLY C 20 -30.20 -120.68 29.19
CA GLY C 20 -28.91 -120.33 29.76
C GLY C 20 -28.03 -119.47 28.86
N LEU C 21 -28.65 -118.76 27.93
CA LEU C 21 -27.92 -117.89 27.02
C LEU C 21 -27.23 -116.74 27.77
N TRP C 22 -27.99 -116.07 28.63
CA TRP C 22 -27.47 -114.95 29.40
C TRP C 22 -26.16 -115.33 30.11
N ARG C 23 -26.17 -116.48 30.78
CA ARG C 23 -25.00 -116.92 31.50
C ARG C 23 -23.85 -117.39 30.60
N ASN C 24 -24.17 -118.24 29.62
CA ASN C 24 -23.15 -118.81 28.73
C ASN C 24 -23.07 -118.39 27.27
N TYR C 25 -23.58 -117.24 26.86
CA TYR C 25 -23.51 -116.96 25.42
C TYR C 25 -23.58 -115.50 24.98
N VAL C 26 -24.50 -114.76 25.58
CA VAL C 26 -24.69 -113.36 25.26
C VAL C 26 -23.40 -112.56 25.39
N ALA C 27 -22.74 -112.69 26.53
CA ALA C 27 -21.50 -111.96 26.78
C ALA C 27 -20.48 -112.14 25.67
N LYS C 28 -20.21 -113.39 25.33
CA LYS C 28 -19.24 -113.70 24.27
C LYS C 28 -19.71 -113.22 22.91
N ASP C 29 -20.87 -113.71 22.49
CA ASP C 29 -21.44 -113.35 21.18
C ASP C 29 -21.42 -111.86 20.92
N LEU C 30 -21.80 -111.06 21.91
CA LEU C 30 -21.80 -109.62 21.77
C LEU C 30 -20.45 -109.04 21.36
N ILE C 31 -19.42 -109.51 22.04
CA ILE C 31 -18.06 -109.03 21.78
C ILE C 31 -17.50 -109.45 20.42
N SER C 32 -18.03 -110.53 19.87
CA SER C 32 -17.56 -111.05 18.58
C SER C 32 -18.38 -110.54 17.39
N ASP C 33 -19.70 -110.59 17.50
CA ASP C 33 -20.60 -110.15 16.43
C ASP C 33 -21.04 -108.69 16.55
N CYS C 34 -20.78 -108.07 17.69
CA CYS C 34 -21.15 -106.68 17.91
C CYS C 34 -19.94 -105.91 18.43
N SER C 35 -18.85 -106.02 17.67
CA SER C 35 -17.63 -105.32 18.02
C SER C 35 -17.92 -103.86 18.33
N SER C 36 -17.38 -103.39 19.45
CA SER C 36 -17.54 -102.00 19.87
C SER C 36 -16.66 -101.70 21.05
N THR C 37 -16.51 -100.41 21.33
CA THR C 37 -15.70 -99.91 22.44
C THR C 37 -16.62 -99.59 23.60
N THR C 38 -17.90 -99.49 23.31
CA THR C 38 -18.87 -99.13 24.32
C THR C 38 -20.15 -99.93 24.23
N TYR C 39 -20.57 -100.47 25.38
CA TYR C 39 -21.81 -101.24 25.46
C TYR C 39 -22.63 -100.67 26.60
N VAL C 40 -23.90 -100.40 26.34
CA VAL C 40 -24.78 -99.84 27.35
C VAL C 40 -25.89 -100.82 27.68
N LEU C 41 -25.92 -101.23 28.94
CA LEU C 41 -26.94 -102.13 29.44
C LEU C 41 -28.05 -101.30 30.11
N VAL C 42 -29.27 -101.53 29.68
CA VAL C 42 -30.44 -100.84 30.20
C VAL C 42 -31.39 -101.88 30.78
N THR C 43 -31.89 -101.59 31.98
CA THR C 43 -32.81 -102.49 32.66
C THR C 43 -33.34 -101.78 33.90
N ASP C 44 -34.27 -102.39 34.63
CA ASP C 44 -34.76 -101.72 35.84
C ASP C 44 -34.15 -102.39 37.05
N THR C 45 -34.43 -101.80 38.21
CA THR C 45 -33.88 -102.31 39.46
C THR C 45 -34.27 -103.74 39.78
N ASN C 46 -35.49 -104.14 39.44
CA ASN C 46 -35.95 -105.49 39.74
C ASN C 46 -35.17 -106.55 38.97
N ILE C 47 -35.01 -106.36 37.66
CA ILE C 47 -34.29 -107.30 36.81
C ILE C 47 -32.80 -107.22 37.08
N GLY C 48 -32.33 -105.99 37.28
CA GLY C 48 -30.91 -105.77 37.48
C GLY C 48 -30.24 -106.49 38.62
N SER C 49 -30.79 -106.34 39.81
CA SER C 49 -30.21 -106.96 40.99
C SER C 49 -30.16 -108.47 40.88
N ILE C 50 -31.06 -109.01 40.08
CA ILE C 50 -31.14 -110.46 39.90
C ILE C 50 -30.23 -110.96 38.79
N TYR C 51 -30.13 -110.14 37.71
CA TYR C 51 -29.38 -110.63 36.56
C TYR C 51 -28.15 -109.87 36.05
N THR C 52 -27.93 -108.61 36.43
CA THR C 52 -26.77 -107.88 35.83
C THR C 52 -25.44 -108.40 36.40
N PRO C 53 -25.34 -108.63 37.71
CA PRO C 53 -24.08 -109.10 38.29
C PRO C 53 -23.42 -110.20 37.46
N SER C 54 -24.12 -111.31 37.27
CA SER C 54 -23.60 -112.43 36.49
C SER C 54 -23.07 -111.98 35.14
N PHE C 55 -23.74 -111.01 34.53
CA PHE C 55 -23.32 -110.53 33.22
C PHE C 55 -22.03 -109.74 33.24
N GLU C 56 -21.84 -108.91 34.26
CA GLU C 56 -20.63 -108.09 34.33
C GLU C 56 -19.39 -108.98 34.30
N GLU C 57 -19.50 -110.11 34.99
CA GLU C 57 -18.42 -111.06 35.06
C GLU C 57 -18.25 -111.71 33.69
N ALA C 58 -19.34 -112.20 33.13
CA ALA C 58 -19.26 -112.85 31.83
C ALA C 58 -18.68 -111.90 30.78
N PHE C 59 -18.89 -110.61 31.01
CA PHE C 59 -18.44 -109.58 30.10
C PHE C 59 -16.93 -109.39 30.21
N ARG C 60 -16.46 -109.08 31.41
CA ARG C 60 -15.03 -108.88 31.60
C ARG C 60 -14.28 -110.06 31.08
N LYS C 61 -14.78 -111.24 31.40
CA LYS C 61 -14.16 -112.48 30.98
C LYS C 61 -13.94 -112.51 29.49
N ARG C 62 -14.97 -112.22 28.71
CA ARG C 62 -14.83 -112.23 27.27
C ARG C 62 -14.21 -110.99 26.66
N ALA C 63 -14.04 -109.94 27.45
CA ALA C 63 -13.45 -108.71 26.94
C ALA C 63 -12.00 -108.59 27.36
N ALA C 64 -11.57 -109.51 28.19
CA ALA C 64 -10.21 -109.50 28.70
C ALA C 64 -9.16 -109.61 27.62
N GLU C 65 -9.40 -110.33 26.55
CA GLU C 65 -8.35 -110.41 25.54
C GLU C 65 -8.57 -109.41 24.42
N ILE C 66 -9.45 -108.45 24.67
CA ILE C 66 -9.75 -107.41 23.70
C ILE C 66 -8.92 -106.18 23.98
N THR C 67 -8.36 -105.61 22.92
CA THR C 67 -7.51 -104.43 23.01
C THR C 67 -7.78 -103.44 21.88
N PRO C 68 -8.09 -102.18 22.21
CA PRO C 68 -8.19 -101.62 23.57
C PRO C 68 -9.39 -102.15 24.32
N SER C 69 -9.33 -102.12 25.64
CA SER C 69 -10.43 -102.65 26.42
C SER C 69 -11.71 -101.83 26.28
N PRO C 70 -12.84 -102.49 25.94
CA PRO C 70 -14.15 -101.85 25.78
C PRO C 70 -14.77 -101.67 27.14
N ARG C 71 -15.83 -100.89 27.21
CA ARG C 71 -16.51 -100.62 28.46
C ARG C 71 -17.96 -101.05 28.45
N LEU C 72 -18.47 -101.37 29.64
CA LEU C 72 -19.85 -101.76 29.84
C LEU C 72 -20.51 -100.79 30.83
N LEU C 73 -21.37 -99.92 30.33
CA LEU C 73 -22.07 -98.94 31.17
C LEU C 73 -23.47 -99.47 31.46
N ILE C 74 -23.87 -99.48 32.73
CA ILE C 74 -25.18 -100.00 33.13
C ILE C 74 -26.15 -98.95 33.66
N TYR C 75 -27.34 -98.91 33.05
CA TYR C 75 -28.40 -97.97 33.40
C TYR C 75 -29.50 -98.67 34.16
N ASN C 76 -29.38 -98.63 35.48
CA ASN C 76 -30.36 -99.25 36.37
C ASN C 76 -31.35 -98.24 36.90
N ARG C 77 -32.55 -98.21 36.32
CA ARG C 77 -33.56 -97.26 36.76
C ARG C 77 -34.58 -97.94 37.67
N PRO C 78 -34.83 -97.39 38.88
CA PRO C 78 -35.79 -98.00 39.79
C PRO C 78 -37.04 -98.40 39.01
N PRO C 79 -37.62 -99.57 39.35
CA PRO C 79 -38.81 -100.07 38.67
C PRO C 79 -39.93 -99.05 38.56
N GLY C 80 -39.78 -97.92 39.23
CA GLY C 80 -40.79 -96.89 39.21
C GLY C 80 -40.38 -95.58 38.55
N GLU C 81 -39.18 -95.53 37.98
CA GLU C 81 -38.69 -94.32 37.32
C GLU C 81 -38.49 -94.62 35.85
N VAL C 82 -38.41 -95.91 35.54
CA VAL C 82 -38.23 -96.39 34.18
C VAL C 82 -39.57 -96.66 33.49
N SER C 83 -40.12 -95.61 32.89
CA SER C 83 -41.40 -95.68 32.20
C SER C 83 -41.15 -95.65 30.70
N LYS C 84 -42.18 -95.91 29.91
CA LYS C 84 -42.02 -95.87 28.46
C LYS C 84 -42.60 -94.51 28.02
N SER C 85 -41.84 -93.45 28.22
CA SER C 85 -42.29 -92.10 27.93
C SER C 85 -41.25 -91.19 27.28
N ARG C 86 -41.58 -89.91 27.20
CA ARG C 86 -40.68 -88.92 26.62
C ARG C 86 -39.59 -88.61 27.61
N GLN C 87 -39.94 -88.60 28.89
CA GLN C 87 -39.00 -88.29 29.95
C GLN C 87 -37.98 -89.37 30.19
N THR C 88 -38.41 -90.63 30.25
CA THR C 88 -37.46 -91.70 30.50
C THR C 88 -36.52 -91.87 29.33
N LYS C 89 -37.01 -91.60 28.13
CA LYS C 89 -36.17 -91.69 26.94
C LYS C 89 -35.15 -90.55 26.98
N ALA C 90 -35.62 -89.35 27.28
CA ALA C 90 -34.74 -88.20 27.36
C ALA C 90 -33.66 -88.46 28.40
N ASP C 91 -34.06 -89.03 29.53
CA ASP C 91 -33.16 -89.33 30.63
C ASP C 91 -32.06 -90.32 30.25
N ILE C 92 -32.42 -91.41 29.60
CA ILE C 92 -31.41 -92.39 29.18
C ILE C 92 -30.46 -91.68 28.22
N GLU C 93 -31.03 -90.94 27.26
CA GLU C 93 -30.21 -90.25 26.29
C GLU C 93 -29.27 -89.24 26.93
N ASP C 94 -29.77 -88.52 27.94
CA ASP C 94 -28.96 -87.51 28.63
C ASP C 94 -27.86 -88.17 29.45
N TRP C 95 -28.15 -89.34 29.98
CA TRP C 95 -27.19 -90.08 30.80
C TRP C 95 -26.08 -90.63 29.92
N MET C 96 -26.46 -91.07 28.72
CA MET C 96 -25.51 -91.62 27.78
C MET C 96 -24.58 -90.57 27.25
N LEU C 97 -25.14 -89.44 26.85
CA LEU C 97 -24.33 -88.35 26.33
C LEU C 97 -23.41 -87.85 27.44
N SER C 98 -23.81 -88.06 28.69
CA SER C 98 -23.07 -87.61 29.86
C SER C 98 -21.89 -88.46 30.26
N GLN C 99 -21.85 -89.71 29.83
CA GLN C 99 -20.75 -90.60 30.15
C GLN C 99 -19.42 -89.99 29.78
N ASN C 100 -18.34 -90.54 30.34
CA ASN C 100 -17.00 -90.06 30.03
C ASN C 100 -16.09 -91.21 29.63
N PRO C 101 -15.72 -91.29 28.35
CA PRO C 101 -16.13 -90.34 27.30
C PRO C 101 -17.59 -90.60 26.88
N PRO C 102 -18.24 -89.61 26.26
CA PRO C 102 -19.63 -89.77 25.84
C PRO C 102 -19.80 -90.98 24.95
N CYS C 103 -21.02 -91.51 24.93
CA CYS C 103 -21.33 -92.66 24.10
C CYS C 103 -21.42 -92.20 22.64
N GLY C 104 -20.83 -92.96 21.73
CA GLY C 104 -20.84 -92.59 20.33
C GLY C 104 -21.64 -93.52 19.42
N ARG C 105 -21.49 -93.34 18.11
CA ARG C 105 -22.21 -94.15 17.13
C ARG C 105 -21.80 -95.62 17.06
N ASP C 106 -20.76 -96.00 17.80
CA ASP C 106 -20.32 -97.40 17.79
C ASP C 106 -20.90 -98.11 19.01
N THR C 107 -21.65 -97.34 19.79
CA THR C 107 -22.29 -97.86 20.98
C THR C 107 -23.21 -99.01 20.63
N VAL C 108 -23.15 -100.05 21.44
CA VAL C 108 -24.02 -101.21 21.28
C VAL C 108 -24.91 -101.23 22.52
N VAL C 109 -26.18 -100.96 22.33
CA VAL C 109 -27.12 -100.92 23.43
C VAL C 109 -27.79 -102.27 23.67
N ILE C 110 -27.82 -102.67 24.94
CA ILE C 110 -28.42 -103.94 25.33
C ILE C 110 -29.72 -103.72 26.09
N ALA C 111 -30.81 -104.19 25.50
CA ALA C 111 -32.14 -104.07 26.09
C ALA C 111 -32.42 -105.30 26.95
N LEU C 112 -32.27 -105.16 28.27
CA LEU C 112 -32.50 -106.26 29.18
C LEU C 112 -33.79 -106.03 29.94
N GLY C 113 -34.89 -106.55 29.42
CA GLY C 113 -36.15 -106.38 30.09
C GLY C 113 -37.30 -106.83 29.21
N GLY C 114 -38.53 -106.53 29.64
CA GLY C 114 -39.69 -106.91 28.88
C GLY C 114 -39.99 -105.92 27.78
N GLY C 115 -41.28 -105.71 27.50
CA GLY C 115 -41.69 -104.80 26.46
C GLY C 115 -41.43 -103.34 26.77
N VAL C 116 -41.54 -102.95 28.04
CA VAL C 116 -41.29 -101.56 28.37
C VAL C 116 -39.84 -101.21 28.08
N ILE C 117 -38.93 -101.96 28.69
CA ILE C 117 -37.52 -101.72 28.49
C ILE C 117 -37.08 -101.97 27.05
N GLY C 118 -37.76 -102.90 26.38
CA GLY C 118 -37.42 -103.19 25.00
C GLY C 118 -37.85 -102.06 24.09
N ASP C 119 -39.12 -101.67 24.20
CA ASP C 119 -39.63 -100.57 23.38
C ASP C 119 -38.84 -99.29 23.60
N LEU C 120 -38.57 -98.99 24.86
CA LEU C 120 -37.82 -97.78 25.22
C LEU C 120 -36.37 -97.82 24.71
N THR C 121 -35.63 -98.83 25.14
CA THR C 121 -34.24 -98.99 24.74
C THR C 121 -34.07 -98.97 23.23
N GLY C 122 -34.91 -99.72 22.53
CA GLY C 122 -34.82 -99.75 21.09
C GLY C 122 -35.08 -98.42 20.42
N PHE C 123 -35.95 -97.60 21.01
CA PHE C 123 -36.26 -96.30 20.44
C PHE C 123 -35.10 -95.33 20.68
N VAL C 124 -34.55 -95.37 21.87
CA VAL C 124 -33.41 -94.53 22.17
C VAL C 124 -32.29 -94.81 21.18
N ALA C 125 -32.08 -96.10 20.92
CA ALA C 125 -31.05 -96.57 20.01
C ALA C 125 -31.27 -96.11 18.58
N SER C 126 -32.53 -96.06 18.18
CA SER C 126 -32.91 -95.67 16.83
C SER C 126 -32.60 -94.22 16.47
N THR C 127 -32.68 -93.35 17.47
CA THR C 127 -32.43 -91.92 17.29
C THR C 127 -31.15 -91.39 17.95
N TYR C 128 -30.42 -92.24 18.68
CA TYR C 128 -29.20 -91.78 19.33
C TYR C 128 -28.14 -91.43 18.26
N MET C 129 -27.82 -90.14 18.15
CA MET C 129 -26.86 -89.69 17.14
C MET C 129 -27.29 -90.20 15.77
N ARG C 130 -28.60 -90.36 15.64
CA ARG C 130 -29.28 -90.83 14.43
C ARG C 130 -29.26 -92.33 14.19
N GLY C 131 -28.93 -93.09 15.23
CA GLY C 131 -28.89 -94.54 15.10
C GLY C 131 -27.63 -95.29 15.53
N VAL C 132 -27.81 -96.18 16.50
CA VAL C 132 -26.72 -97.02 16.98
C VAL C 132 -27.26 -98.45 17.04
N ARG C 133 -26.37 -99.42 17.11
CA ARG C 133 -26.77 -100.83 17.20
C ARG C 133 -27.35 -101.16 18.58
N TYR C 134 -28.17 -102.19 18.64
CA TYR C 134 -28.74 -102.60 19.92
C TYR C 134 -29.21 -104.04 19.82
N VAL C 135 -29.33 -104.69 20.98
CA VAL C 135 -29.79 -106.08 21.03
C VAL C 135 -30.91 -106.24 22.04
N GLN C 136 -31.72 -107.28 21.84
CA GLN C 136 -32.84 -107.57 22.72
C GLN C 136 -32.60 -108.80 23.57
N VAL C 137 -32.79 -108.63 24.87
CA VAL C 137 -32.67 -109.72 25.82
C VAL C 137 -33.99 -109.77 26.57
N PRO C 138 -35.05 -110.26 25.90
CA PRO C 138 -36.38 -110.36 26.49
C PRO C 138 -36.40 -111.20 27.75
N THR C 139 -36.76 -110.58 28.85
CA THR C 139 -36.81 -111.29 30.14
C THR C 139 -38.23 -111.70 30.53
N THR C 140 -39.23 -111.36 29.71
CA THR C 140 -40.62 -111.70 30.00
C THR C 140 -41.16 -112.63 28.91
N LEU C 141 -42.30 -113.27 29.17
CA LEU C 141 -42.87 -114.17 28.17
C LEU C 141 -43.43 -113.37 26.99
N LEU C 142 -44.02 -112.22 27.29
CA LEU C 142 -44.60 -111.36 26.27
C LEU C 142 -43.49 -110.83 25.33
N ALA C 143 -42.34 -110.52 25.91
CA ALA C 143 -41.23 -110.01 25.12
C ALA C 143 -40.51 -111.10 24.34
N MET C 144 -40.50 -112.30 24.88
CA MET C 144 -39.84 -113.42 24.23
C MET C 144 -40.63 -113.91 23.02
N VAL C 145 -41.95 -113.81 23.11
CA VAL C 145 -42.81 -114.28 22.04
C VAL C 145 -43.39 -113.20 21.15
N ASP C 146 -43.12 -111.94 21.47
CA ASP C 146 -43.70 -110.86 20.68
C ASP C 146 -42.87 -109.59 20.50
N SER C 147 -42.92 -108.72 21.51
CA SER C 147 -42.27 -107.42 21.49
C SER C 147 -40.77 -107.34 21.17
N SER C 148 -40.00 -108.36 21.51
CA SER C 148 -38.56 -108.29 21.22
C SER C 148 -38.25 -108.61 19.77
N ILE C 149 -39.19 -109.27 19.10
CA ILE C 149 -39.04 -109.64 17.68
C ILE C 149 -39.68 -108.61 16.78
N GLY C 150 -39.00 -108.08 15.77
CA GLY C 150 -39.71 -107.22 14.86
C GLY C 150 -39.14 -105.82 14.58
N GLY C 151 -38.47 -105.19 15.53
CA GLY C 151 -37.95 -103.85 15.31
C GLY C 151 -38.90 -102.70 15.62
N LYS C 152 -40.10 -103.01 16.13
CA LYS C 152 -41.05 -101.96 16.49
C LYS C 152 -40.79 -101.43 17.89
N THR C 153 -40.45 -100.15 17.98
CA THR C 153 -40.17 -99.52 19.26
C THR C 153 -40.98 -98.23 19.34
N ALA C 154 -41.24 -97.75 20.55
CA ALA C 154 -42.00 -96.52 20.73
C ALA C 154 -42.26 -96.19 22.20
N ILE C 155 -42.82 -95.01 22.44
CA ILE C 155 -43.13 -94.53 23.78
C ILE C 155 -44.57 -94.02 23.81
N ASP C 156 -45.07 -93.78 25.02
CA ASP C 156 -46.43 -93.30 25.19
C ASP C 156 -46.49 -91.80 25.43
N THR C 157 -47.58 -91.19 24.97
CA THR C 157 -47.82 -89.77 25.18
C THR C 157 -49.15 -89.73 25.91
N PRO C 158 -49.43 -88.63 26.60
CA PRO C 158 -50.68 -88.47 27.35
C PRO C 158 -51.95 -88.97 26.65
N LEU C 159 -51.94 -88.99 25.32
CA LEU C 159 -53.12 -89.41 24.56
C LEU C 159 -53.33 -90.90 24.32
N GLY C 160 -52.26 -91.63 24.08
CA GLY C 160 -52.44 -93.05 23.86
C GLY C 160 -51.17 -93.84 24.01
N LYS C 161 -51.19 -95.06 23.46
CA LYS C 161 -50.07 -95.98 23.52
C LYS C 161 -49.28 -96.03 22.23
N ASN C 162 -47.97 -96.14 22.38
CA ASN C 162 -47.04 -96.22 21.24
C ASN C 162 -47.39 -95.26 20.13
N LEU C 163 -47.55 -93.98 20.46
CA LEU C 163 -47.89 -93.01 19.42
C LEU C 163 -46.64 -92.48 18.70
N ILE C 164 -45.52 -92.45 19.41
CA ILE C 164 -44.25 -91.97 18.86
C ILE C 164 -43.24 -93.09 19.01
N GLY C 165 -42.52 -93.36 17.93
CA GLY C 165 -41.53 -94.43 17.95
C GLY C 165 -40.84 -94.61 16.62
N ALA C 166 -40.21 -95.75 16.43
CA ALA C 166 -39.50 -96.03 15.19
C ALA C 166 -39.33 -97.53 14.94
N ILE C 167 -39.11 -97.88 13.69
CA ILE C 167 -38.89 -99.28 13.31
C ILE C 167 -37.39 -99.41 13.12
N TRP C 168 -36.75 -99.90 14.16
CA TRP C 168 -35.32 -100.04 14.20
C TRP C 168 -35.02 -101.49 14.52
N GLN C 169 -34.47 -102.22 13.57
CA GLN C 169 -34.19 -103.62 13.79
C GLN C 169 -32.97 -103.84 14.69
N PRO C 170 -33.12 -104.70 15.72
CA PRO C 170 -32.02 -105.01 16.64
C PRO C 170 -31.03 -105.92 15.92
N THR C 171 -29.75 -105.81 16.23
CA THR C 171 -28.73 -106.62 15.59
C THR C 171 -28.78 -108.08 16.04
N LYS C 172 -29.12 -108.30 17.29
CA LYS C 172 -29.24 -109.64 17.85
C LYS C 172 -30.43 -109.69 18.78
N ILE C 173 -31.01 -110.88 18.94
CA ILE C 173 -32.17 -111.10 19.83
C ILE C 173 -31.94 -112.41 20.57
N TYR C 174 -31.65 -112.31 21.87
CA TYR C 174 -31.37 -113.47 22.69
C TYR C 174 -32.54 -113.90 23.54
N ILE C 175 -33.15 -115.01 23.16
CA ILE C 175 -34.28 -115.51 23.91
C ILE C 175 -33.81 -116.57 24.88
N ASP C 176 -33.68 -116.18 26.14
CA ASP C 176 -33.22 -117.10 27.19
C ASP C 176 -34.36 -117.53 28.10
N LEU C 177 -34.85 -118.73 27.88
CA LEU C 177 -35.96 -119.25 28.67
C LEU C 177 -35.73 -119.25 30.18
N GLU C 178 -34.47 -119.20 30.57
CA GLU C 178 -34.13 -119.22 31.99
C GLU C 178 -34.71 -118.04 32.74
N PHE C 179 -34.94 -116.94 32.04
CA PHE C 179 -35.49 -115.74 32.69
C PHE C 179 -36.88 -116.01 33.28
N LEU C 180 -37.65 -116.85 32.60
CA LEU C 180 -39.01 -117.17 33.02
C LEU C 180 -39.07 -117.69 34.45
N GLU C 181 -37.97 -118.24 34.92
CA GLU C 181 -37.91 -118.78 36.27
C GLU C 181 -38.34 -117.75 37.31
N THR C 182 -37.94 -116.50 37.13
CA THR C 182 -38.25 -115.46 38.11
C THR C 182 -39.37 -114.51 37.74
N LEU C 183 -39.94 -114.69 36.56
CA LEU C 183 -41.01 -113.81 36.11
C LEU C 183 -42.26 -114.03 36.97
N PRO C 184 -42.85 -112.95 37.51
CA PRO C 184 -44.05 -113.05 38.34
C PRO C 184 -45.19 -113.73 37.57
N VAL C 185 -46.06 -114.39 38.32
CA VAL C 185 -47.17 -115.13 37.72
C VAL C 185 -48.05 -114.29 36.81
N ARG C 186 -48.45 -113.11 37.25
CA ARG C 186 -49.31 -112.24 36.44
C ARG C 186 -48.69 -111.95 35.08
N GLU C 187 -47.39 -111.65 35.08
CA GLU C 187 -46.66 -111.38 33.86
C GLU C 187 -46.73 -112.54 32.89
N PHE C 188 -46.43 -113.74 33.38
CA PHE C 188 -46.46 -114.90 32.53
C PHE C 188 -47.83 -115.04 31.84
N ILE C 189 -48.91 -114.97 32.61
CA ILE C 189 -50.26 -115.08 32.04
C ILE C 189 -50.44 -113.97 31.00
N ASN C 190 -50.10 -112.76 31.42
CA ASN C 190 -50.19 -111.56 30.57
C ASN C 190 -49.59 -111.82 29.18
N GLY C 191 -48.45 -112.50 29.13
CA GLY C 191 -47.80 -112.78 27.87
C GLY C 191 -48.48 -113.87 27.06
N MET C 192 -49.19 -114.75 27.74
CA MET C 192 -49.90 -115.82 27.05
C MET C 192 -50.93 -115.27 26.10
N ALA C 193 -51.40 -114.06 26.39
CA ALA C 193 -52.39 -113.41 25.54
C ALA C 193 -51.82 -113.28 24.13
N GLU C 194 -50.54 -112.89 24.04
CA GLU C 194 -49.86 -112.72 22.76
C GLU C 194 -49.65 -114.04 22.05
N VAL C 195 -49.30 -115.05 22.82
CA VAL C 195 -49.07 -116.37 22.23
C VAL C 195 -50.37 -116.82 21.60
N ILE C 196 -51.43 -116.78 22.38
CA ILE C 196 -52.75 -117.18 21.92
C ILE C 196 -53.11 -116.39 20.66
N LYS C 197 -52.89 -115.07 20.72
CA LYS C 197 -53.19 -114.19 19.58
C LYS C 197 -52.46 -114.64 18.32
N THR C 198 -51.16 -114.91 18.46
CA THR C 198 -50.35 -115.32 17.32
C THR C 198 -50.83 -116.62 16.70
N ALA C 199 -51.29 -117.55 17.53
CA ALA C 199 -51.79 -118.83 17.03
C ALA C 199 -53.12 -118.64 16.32
N ALA C 200 -53.98 -117.83 16.90
CA ALA C 200 -55.32 -117.58 16.33
C ALA C 200 -55.27 -116.99 14.93
N ILE C 201 -54.17 -116.35 14.59
CA ILE C 201 -54.05 -115.73 13.27
C ILE C 201 -53.16 -116.54 12.34
N SER C 202 -52.69 -117.68 12.82
CA SER C 202 -51.79 -118.51 12.01
C SER C 202 -52.21 -119.96 11.79
N SER C 203 -52.59 -120.67 12.85
CA SER C 203 -52.98 -122.07 12.69
C SER C 203 -53.86 -122.56 13.82
N GLU C 204 -54.88 -123.35 13.47
CA GLU C 204 -55.82 -123.90 14.46
C GLU C 204 -55.19 -125.03 15.28
N GLU C 205 -54.22 -125.74 14.71
CA GLU C 205 -53.54 -126.83 15.41
C GLU C 205 -52.83 -126.29 16.64
N GLU C 206 -52.05 -125.24 16.41
CA GLU C 206 -51.29 -124.58 17.45
C GLU C 206 -52.25 -124.08 18.51
N PHE C 207 -53.32 -123.45 18.06
CA PHE C 207 -54.32 -122.95 18.97
C PHE C 207 -54.83 -124.08 19.87
N THR C 208 -55.18 -125.20 19.24
CA THR C 208 -55.67 -126.38 19.95
C THR C 208 -54.65 -126.92 20.94
N ALA C 209 -53.39 -126.96 20.55
CA ALA C 209 -52.36 -127.45 21.46
C ALA C 209 -52.35 -126.54 22.67
N LEU C 210 -52.48 -125.24 22.43
CA LEU C 210 -52.49 -124.29 23.54
C LEU C 210 -53.61 -124.65 24.50
N GLU C 211 -54.74 -125.08 23.96
CA GLU C 211 -55.88 -125.46 24.77
C GLU C 211 -55.55 -126.67 25.63
N GLU C 212 -54.83 -127.63 25.05
CA GLU C 212 -54.49 -128.84 25.77
C GLU C 212 -53.46 -128.66 26.89
N ASN C 213 -52.61 -127.64 26.74
CA ASN C 213 -51.56 -127.39 27.70
C ASN C 213 -51.81 -126.39 28.81
N ALA C 214 -52.91 -125.66 28.73
CA ALA C 214 -53.26 -124.66 29.74
C ALA C 214 -53.23 -125.19 31.17
N GLU C 215 -53.61 -126.45 31.36
CA GLU C 215 -53.62 -127.02 32.69
C GLU C 215 -52.22 -127.25 33.19
N THR C 216 -51.48 -128.05 32.45
CA THR C 216 -50.11 -128.37 32.80
C THR C 216 -49.29 -127.09 32.97
N ILE C 217 -49.37 -126.22 31.97
CA ILE C 217 -48.62 -124.97 31.99
C ILE C 217 -48.94 -124.14 33.21
N LEU C 218 -50.23 -123.89 33.42
CA LEU C 218 -50.66 -123.09 34.56
C LEU C 218 -50.31 -123.71 35.92
N LYS C 219 -50.26 -125.05 36.01
CA LYS C 219 -49.92 -125.70 37.27
C LYS C 219 -48.44 -125.49 37.56
N ALA C 220 -47.61 -125.52 36.52
CA ALA C 220 -46.18 -125.33 36.68
C ALA C 220 -45.86 -123.91 37.06
N VAL C 221 -46.61 -122.99 36.46
CA VAL C 221 -46.42 -121.56 36.69
C VAL C 221 -46.79 -121.12 38.10
N ARG C 222 -47.80 -121.72 38.68
CA ARG C 222 -48.22 -121.33 40.02
C ARG C 222 -47.56 -122.10 41.17
N ARG C 223 -47.10 -123.32 40.90
CA ARG C 223 -46.48 -124.15 41.92
C ARG C 223 -45.25 -123.57 42.63
N GLU C 224 -44.95 -124.15 43.79
CA GLU C 224 -43.79 -123.76 44.60
C GLU C 224 -42.62 -124.64 44.23
N VAL C 225 -41.74 -124.07 43.43
CA VAL C 225 -40.59 -124.82 42.99
C VAL C 225 -39.51 -124.77 44.08
N THR C 226 -38.96 -125.94 44.42
CA THR C 226 -37.91 -126.02 45.43
C THR C 226 -36.53 -125.78 44.84
N PRO C 227 -35.55 -125.51 45.72
CA PRO C 227 -34.17 -125.25 45.29
C PRO C 227 -33.62 -126.28 44.32
N GLY C 228 -33.09 -125.80 43.20
CA GLY C 228 -32.51 -126.69 42.22
C GLY C 228 -33.38 -126.94 41.00
N GLU C 229 -34.49 -127.63 41.19
CA GLU C 229 -35.39 -127.92 40.08
C GLU C 229 -35.86 -126.63 39.39
N HIS C 230 -36.36 -126.78 38.17
CA HIS C 230 -36.88 -125.68 37.37
C HIS C 230 -38.39 -125.57 37.56
N ARG C 231 -38.97 -124.48 37.04
CA ARG C 231 -40.41 -124.22 37.14
C ARG C 231 -41.22 -125.14 36.26
N PHE C 232 -40.78 -125.19 35.03
CA PHE C 232 -41.44 -125.97 34.02
C PHE C 232 -40.79 -127.32 33.87
N GLU C 233 -40.60 -127.98 35.01
CA GLU C 233 -39.99 -129.29 35.06
C GLU C 233 -40.97 -130.25 34.40
N GLY C 234 -40.51 -130.94 33.36
CA GLY C 234 -41.37 -131.90 32.66
C GLY C 234 -42.38 -131.27 31.74
N THR C 235 -42.21 -129.99 31.45
CA THR C 235 -43.14 -129.29 30.58
C THR C 235 -42.36 -128.35 29.67
N GLU C 236 -41.04 -128.36 29.81
CA GLU C 236 -40.18 -127.49 29.02
C GLU C 236 -40.30 -127.71 27.51
N GLU C 237 -40.32 -128.97 27.08
CA GLU C 237 -40.44 -129.27 25.66
C GLU C 237 -41.68 -128.60 25.10
N ILE C 238 -42.75 -128.64 25.88
CA ILE C 238 -44.02 -128.04 25.47
C ILE C 238 -43.90 -126.52 25.42
N LEU C 239 -43.27 -125.94 26.45
CA LEU C 239 -43.10 -124.50 26.52
C LEU C 239 -42.25 -124.00 25.35
N LYS C 240 -41.09 -124.59 25.15
CA LYS C 240 -40.22 -124.18 24.06
C LYS C 240 -41.02 -124.25 22.74
N ALA C 241 -41.72 -125.36 22.54
CA ALA C 241 -42.50 -125.56 21.33
C ALA C 241 -43.50 -124.43 21.07
N ARG C 242 -44.23 -124.06 22.11
CA ARG C 242 -45.24 -123.02 22.01
C ARG C 242 -44.60 -121.66 21.73
N ILE C 243 -43.59 -121.33 22.52
CA ILE C 243 -42.88 -120.07 22.39
C ILE C 243 -42.26 -119.91 21.00
N LEU C 244 -41.59 -120.95 20.54
CA LEU C 244 -40.96 -120.93 19.23
C LEU C 244 -41.96 -120.74 18.12
N ALA C 245 -43.10 -121.42 18.21
CA ALA C 245 -44.15 -121.31 17.21
C ALA C 245 -44.58 -119.86 17.06
N SER C 246 -44.76 -119.18 18.20
CA SER C 246 -45.18 -117.78 18.18
C SER C 246 -44.11 -116.92 17.52
N ALA C 247 -42.87 -117.09 17.96
CA ALA C 247 -41.75 -116.34 17.43
C ALA C 247 -41.57 -116.56 15.94
N ARG C 248 -41.59 -117.83 15.51
CA ARG C 248 -41.45 -118.18 14.09
C ARG C 248 -42.50 -117.53 13.21
N HIS C 249 -43.73 -117.47 13.70
CA HIS C 249 -44.76 -116.86 12.89
C HIS C 249 -44.54 -115.36 12.78
N LYS C 250 -44.24 -114.73 13.90
CA LYS C 250 -44.02 -113.30 13.86
C LYS C 250 -42.89 -113.01 12.87
N ALA C 251 -41.81 -113.75 12.97
CA ALA C 251 -40.67 -113.58 12.07
C ALA C 251 -41.12 -113.63 10.62
N TYR C 252 -41.94 -114.62 10.29
CA TYR C 252 -42.45 -114.76 8.92
C TYR C 252 -43.20 -113.49 8.50
N VAL C 253 -44.17 -113.11 9.33
CA VAL C 253 -45.00 -111.93 9.06
C VAL C 253 -44.12 -110.69 8.83
N VAL C 254 -43.28 -110.40 9.82
CA VAL C 254 -42.39 -109.25 9.77
C VAL C 254 -41.48 -109.25 8.55
N SER C 255 -40.89 -110.39 8.22
CA SER C 255 -40.02 -110.47 7.06
C SER C 255 -40.73 -110.15 5.76
N ALA C 256 -41.99 -110.53 5.64
CA ALA C 256 -42.73 -110.28 4.41
C ALA C 256 -43.28 -108.86 4.29
N ASP C 257 -43.40 -108.16 5.42
CA ASP C 257 -43.94 -106.80 5.42
C ASP C 257 -43.44 -106.03 6.62
N GLU C 258 -42.15 -105.80 6.67
CA GLU C 258 -41.50 -105.09 7.77
C GLU C 258 -42.14 -103.77 8.23
N ARG C 259 -42.39 -102.85 7.31
CA ARG C 259 -42.99 -101.56 7.67
C ARG C 259 -44.50 -101.54 7.61
N GLU C 260 -45.10 -102.67 7.96
CA GLU C 260 -46.56 -102.82 8.01
C GLU C 260 -47.27 -102.11 6.89
N GLY C 261 -47.18 -102.69 5.70
CA GLY C 261 -47.84 -102.10 4.54
C GLY C 261 -49.12 -102.86 4.30
N GLY C 262 -49.27 -103.99 4.99
CA GLY C 262 -50.46 -104.79 4.81
C GLY C 262 -50.50 -105.99 5.72
N LEU C 263 -49.68 -106.99 5.42
CA LEU C 263 -49.67 -108.22 6.21
C LEU C 263 -49.43 -108.01 7.72
N ARG C 264 -48.54 -107.10 8.08
CA ARG C 264 -48.25 -106.85 9.51
C ARG C 264 -49.45 -106.39 10.36
N ASN C 265 -50.52 -105.97 9.71
CA ASN C 265 -51.72 -105.56 10.42
C ASN C 265 -52.21 -106.71 11.30
N LEU C 266 -52.07 -107.93 10.78
CA LEU C 266 -52.54 -109.13 11.46
C LEU C 266 -51.96 -109.34 12.84
N LEU C 267 -50.76 -108.86 13.06
CA LEU C 267 -50.13 -109.01 14.38
C LEU C 267 -50.85 -108.10 15.38
N ASN C 268 -51.75 -107.26 14.88
CA ASN C 268 -52.47 -106.33 15.74
C ASN C 268 -53.87 -106.81 16.07
N TRP C 269 -54.14 -108.08 15.81
CA TRP C 269 -55.46 -108.58 16.15
C TRP C 269 -55.71 -108.43 17.65
N GLY C 270 -56.86 -107.85 18.00
CA GLY C 270 -57.20 -107.65 19.39
C GLY C 270 -56.63 -106.37 19.97
N HIS C 271 -55.83 -105.66 19.18
CA HIS C 271 -55.20 -104.43 19.63
C HIS C 271 -55.95 -103.16 19.28
N SER C 272 -56.84 -103.21 18.31
CA SER C 272 -57.60 -102.03 17.96
C SER C 272 -58.41 -101.66 19.19
N ILE C 273 -59.16 -102.62 19.69
CA ILE C 273 -59.98 -102.42 20.88
C ILE C 273 -59.09 -102.51 22.13
N GLY C 274 -58.08 -103.36 22.05
CA GLY C 274 -57.18 -103.55 23.18
C GLY C 274 -56.48 -102.28 23.59
N HIS C 275 -55.94 -101.59 22.60
CA HIS C 275 -55.23 -100.33 22.83
C HIS C 275 -56.17 -99.25 23.30
N ALA C 276 -57.37 -99.21 22.73
CA ALA C 276 -58.35 -98.20 23.14
C ALA C 276 -58.67 -98.37 24.63
N ILE C 277 -58.74 -99.63 25.07
CA ILE C 277 -59.02 -99.99 26.45
C ILE C 277 -57.81 -99.75 27.34
N GLU C 278 -56.64 -100.12 26.82
CA GLU C 278 -55.38 -99.98 27.55
C GLU C 278 -55.04 -98.53 27.88
N ALA C 279 -55.42 -97.62 27.00
CA ALA C 279 -55.16 -96.21 27.22
C ALA C 279 -56.04 -95.68 28.36
N ILE C 280 -57.07 -96.43 28.71
CA ILE C 280 -57.96 -95.98 29.77
C ILE C 280 -57.60 -96.68 31.07
N LEU C 281 -57.36 -97.98 31.00
CA LEU C 281 -57.08 -98.79 32.18
C LEU C 281 -55.63 -99.03 32.57
N THR C 282 -54.71 -98.31 31.94
CA THR C 282 -53.30 -98.46 32.28
C THR C 282 -53.01 -97.42 33.36
N PRO C 283 -52.03 -97.69 34.25
CA PRO C 283 -51.19 -98.90 34.29
C PRO C 283 -51.77 -100.03 35.16
N GLN C 284 -52.93 -99.80 35.77
CA GLN C 284 -53.55 -100.81 36.61
C GLN C 284 -53.71 -102.13 35.84
N ILE C 285 -54.02 -102.02 34.55
CA ILE C 285 -54.19 -103.20 33.69
C ILE C 285 -53.05 -103.36 32.70
N LEU C 286 -52.55 -104.58 32.58
CA LEU C 286 -51.43 -104.86 31.70
C LEU C 286 -51.82 -104.98 30.24
N HIS C 287 -50.83 -104.90 29.38
CA HIS C 287 -51.04 -104.97 27.94
C HIS C 287 -51.78 -106.24 27.56
N GLY C 288 -51.13 -107.38 27.81
CA GLY C 288 -51.71 -108.67 27.51
C GLY C 288 -53.13 -108.85 28.01
N GLU C 289 -53.41 -108.39 29.22
CA GLU C 289 -54.75 -108.50 29.77
C GLU C 289 -55.76 -107.67 28.96
N CYS C 290 -55.34 -106.48 28.51
CA CYS C 290 -56.20 -105.64 27.69
C CYS C 290 -56.40 -106.23 26.29
N VAL C 291 -55.34 -106.81 25.74
CA VAL C 291 -55.38 -107.43 24.43
C VAL C 291 -56.29 -108.65 24.47
N ALA C 292 -56.30 -109.37 25.59
CA ALA C 292 -57.15 -110.55 25.71
C ALA C 292 -58.61 -110.11 25.55
N ILE C 293 -58.98 -109.03 26.22
CA ILE C 293 -60.34 -108.52 26.13
C ILE C 293 -60.60 -107.98 24.75
N GLY C 294 -59.56 -107.44 24.14
CA GLY C 294 -59.70 -106.88 22.79
C GLY C 294 -59.91 -107.95 21.76
N MET C 295 -59.29 -109.12 21.96
CA MET C 295 -59.43 -110.23 21.05
C MET C 295 -60.85 -110.73 21.12
N VAL C 296 -61.38 -110.73 22.35
CA VAL C 296 -62.75 -111.17 22.61
C VAL C 296 -63.74 -110.19 21.99
N LYS C 297 -63.52 -108.89 22.15
CA LYS C 297 -64.46 -107.94 21.57
C LYS C 297 -64.27 -107.83 20.08
N GLU C 298 -63.05 -108.02 19.59
CA GLU C 298 -62.84 -107.93 18.16
C GLU C 298 -63.44 -109.16 17.51
N ALA C 299 -63.35 -110.28 18.21
CA ALA C 299 -63.90 -111.52 17.73
C ALA C 299 -65.41 -111.35 17.69
N GLU C 300 -65.99 -110.79 18.74
CA GLU C 300 -67.44 -110.59 18.80
C GLU C 300 -67.87 -109.73 17.65
N LEU C 301 -67.00 -108.80 17.27
CA LEU C 301 -67.25 -107.88 16.17
C LEU C 301 -67.28 -108.64 14.85
N ALA C 302 -66.37 -109.61 14.72
CA ALA C 302 -66.29 -110.39 13.51
C ALA C 302 -67.54 -111.21 13.32
N ARG C 303 -68.10 -111.70 14.42
CA ARG C 303 -69.33 -112.48 14.34
C ARG C 303 -70.47 -111.53 14.02
N HIS C 304 -70.43 -110.33 14.59
CA HIS C 304 -71.47 -109.32 14.35
C HIS C 304 -71.58 -109.04 12.87
N LEU C 305 -70.43 -108.94 12.21
CA LEU C 305 -70.35 -108.67 10.79
C LEU C 305 -70.63 -109.90 9.93
N GLY C 306 -70.82 -111.04 10.58
CA GLY C 306 -71.11 -112.27 9.86
C GLY C 306 -69.88 -112.82 9.19
N ILE C 307 -68.74 -112.64 9.83
CA ILE C 307 -67.49 -113.12 9.27
C ILE C 307 -66.97 -114.27 10.10
N LEU C 308 -67.17 -114.17 11.41
CA LEU C 308 -66.71 -115.21 12.32
C LEU C 308 -67.86 -115.97 12.93
N LYS C 309 -67.69 -117.29 13.03
CA LYS C 309 -68.71 -118.17 13.59
C LYS C 309 -68.74 -118.06 15.11
N GLY C 310 -69.93 -118.10 15.68
CA GLY C 310 -70.10 -117.98 17.10
C GLY C 310 -69.36 -119.02 17.92
N VAL C 311 -69.29 -120.24 17.43
CA VAL C 311 -68.57 -121.28 18.15
C VAL C 311 -67.10 -120.95 18.32
N ALA C 312 -66.58 -120.12 17.41
CA ALA C 312 -65.18 -119.69 17.42
C ALA C 312 -64.95 -118.66 18.52
N VAL C 313 -65.92 -117.76 18.67
CA VAL C 313 -65.82 -116.74 19.71
C VAL C 313 -65.81 -117.45 21.07
N SER C 314 -66.72 -118.40 21.28
CA SER C 314 -66.80 -119.15 22.52
C SER C 314 -65.46 -119.81 22.80
N ARG C 315 -64.89 -120.39 21.76
CA ARG C 315 -63.62 -121.09 21.90
C ARG C 315 -62.48 -120.17 22.33
N ILE C 316 -62.45 -118.96 21.78
CA ILE C 316 -61.43 -117.96 22.09
C ILE C 316 -61.55 -117.60 23.57
N VAL C 317 -62.76 -117.29 23.98
CA VAL C 317 -63.01 -116.94 25.36
C VAL C 317 -62.59 -118.04 26.30
N LYS C 318 -63.03 -119.27 26.02
CA LYS C 318 -62.69 -120.42 26.85
C LYS C 318 -61.19 -120.60 26.99
N CYS C 319 -60.47 -120.40 25.89
CA CYS C 319 -59.01 -120.56 25.91
C CYS C 319 -58.35 -119.47 26.76
N LEU C 320 -58.73 -118.22 26.51
CA LEU C 320 -58.18 -117.12 27.25
C LEU C 320 -58.49 -117.26 28.74
N ALA C 321 -59.70 -117.73 29.02
CA ALA C 321 -60.13 -117.93 30.40
C ALA C 321 -59.31 -119.04 31.07
N ALA C 322 -59.01 -120.09 30.31
CA ALA C 322 -58.23 -121.24 30.77
C ALA C 322 -56.81 -120.88 31.20
N TYR C 323 -56.33 -119.72 30.77
CA TYR C 323 -54.99 -119.29 31.11
C TYR C 323 -54.97 -118.22 32.17
N GLY C 324 -56.13 -117.89 32.73
CA GLY C 324 -56.21 -116.88 33.76
C GLY C 324 -56.32 -115.47 33.20
N LEU C 325 -56.62 -115.39 31.91
CA LEU C 325 -56.74 -114.10 31.28
C LEU C 325 -58.20 -113.65 31.31
N PRO C 326 -58.42 -112.34 31.45
CA PRO C 326 -59.79 -111.80 31.48
C PRO C 326 -60.45 -111.82 30.10
N THR C 327 -61.77 -111.94 30.07
CA THR C 327 -62.49 -111.99 28.81
C THR C 327 -63.57 -110.91 28.68
N SER C 328 -63.64 -110.03 29.69
CA SER C 328 -64.59 -108.92 29.70
C SER C 328 -64.16 -107.84 30.68
N LEU C 329 -64.60 -106.60 30.44
CA LEU C 329 -64.22 -105.47 31.28
C LEU C 329 -64.86 -105.59 32.66
N LYS C 330 -65.86 -106.45 32.80
CA LYS C 330 -66.54 -106.61 34.08
C LYS C 330 -65.93 -107.70 34.94
N ASP C 331 -64.75 -108.17 34.57
CA ASP C 331 -64.09 -109.24 35.31
C ASP C 331 -63.79 -108.76 36.73
N ALA C 332 -63.98 -109.65 37.69
CA ALA C 332 -63.71 -109.35 39.09
C ALA C 332 -62.27 -108.89 39.36
N ARG C 333 -61.30 -109.68 38.89
CA ARG C 333 -59.86 -109.39 39.08
C ARG C 333 -59.41 -108.08 38.45
N ILE C 334 -60.16 -107.63 37.45
CA ILE C 334 -59.85 -106.38 36.76
C ILE C 334 -60.53 -105.21 37.48
N ARG C 335 -61.73 -105.46 37.99
CA ARG C 335 -62.50 -104.46 38.71
C ARG C 335 -61.80 -104.06 40.01
N LYS C 336 -61.12 -105.01 40.65
CA LYS C 336 -60.46 -104.72 41.91
C LYS C 336 -59.14 -103.98 41.72
N LEU C 337 -58.65 -103.95 40.49
CA LEU C 337 -57.38 -103.29 40.21
C LEU C 337 -57.47 -101.98 39.45
N THR C 338 -58.64 -101.68 38.88
CA THR C 338 -58.81 -100.44 38.10
C THR C 338 -58.92 -99.12 38.85
N ALA C 339 -58.73 -99.14 40.17
CA ALA C 339 -58.76 -97.93 40.99
C ALA C 339 -59.83 -96.86 40.67
N GLY C 340 -61.10 -97.27 40.65
CA GLY C 340 -62.15 -96.30 40.38
C GLY C 340 -62.28 -95.79 38.96
N LYS C 341 -61.71 -96.52 38.01
CA LYS C 341 -61.80 -96.13 36.60
C LYS C 341 -62.61 -97.13 35.75
N HIS C 342 -63.26 -96.64 34.71
CA HIS C 342 -64.03 -97.50 33.81
C HIS C 342 -63.91 -96.97 32.38
N CYS C 343 -64.29 -97.80 31.42
CA CYS C 343 -64.20 -97.44 30.01
C CYS C 343 -65.54 -97.07 29.42
N SER C 344 -65.69 -95.80 29.05
CA SER C 344 -66.94 -95.37 28.42
C SER C 344 -66.82 -95.61 26.92
N VAL C 345 -67.95 -95.91 26.29
CA VAL C 345 -67.92 -96.16 24.86
C VAL C 345 -67.37 -94.94 24.14
N ASP C 346 -67.59 -93.76 24.69
CA ASP C 346 -67.10 -92.53 24.05
C ASP C 346 -65.58 -92.38 24.14
N GLN C 347 -64.98 -92.91 25.20
CA GLN C 347 -63.53 -92.83 25.37
C GLN C 347 -62.89 -93.91 24.53
N LEU C 348 -63.52 -95.07 24.51
CA LEU C 348 -62.98 -96.16 23.72
C LEU C 348 -62.99 -95.77 22.23
N MET C 349 -64.13 -95.26 21.77
CA MET C 349 -64.28 -94.85 20.38
C MET C 349 -63.34 -93.69 20.03
N PHE C 350 -63.20 -92.74 20.96
CA PHE C 350 -62.31 -91.61 20.74
C PHE C 350 -60.88 -92.13 20.58
N ASN C 351 -60.45 -93.01 21.48
CA ASN C 351 -59.11 -93.56 21.43
C ASN C 351 -58.84 -94.34 20.13
N MET C 352 -59.84 -95.06 19.64
CA MET C 352 -59.63 -95.84 18.44
C MET C 352 -59.28 -95.01 17.21
N ALA C 353 -59.53 -93.71 17.28
CA ALA C 353 -59.21 -92.84 16.15
C ALA C 353 -57.70 -92.66 16.08
N LEU C 354 -57.06 -92.89 17.22
CA LEU C 354 -55.62 -92.79 17.35
C LEU C 354 -54.93 -94.10 16.95
N ASP C 355 -55.71 -95.09 16.54
CA ASP C 355 -55.08 -96.35 16.16
C ASP C 355 -54.23 -96.10 14.93
N LYS C 356 -52.97 -96.54 15.01
CA LYS C 356 -52.02 -96.33 13.92
C LYS C 356 -52.30 -97.12 12.66
N LYS C 357 -53.32 -97.98 12.66
CA LYS C 357 -53.64 -98.77 11.48
C LYS C 357 -54.63 -98.11 10.53
N ASN C 358 -55.45 -97.21 11.07
CA ASN C 358 -56.48 -96.50 10.32
C ASN C 358 -55.95 -95.87 9.06
N ASP C 359 -56.66 -96.12 7.96
CA ASP C 359 -56.30 -95.57 6.66
C ASP C 359 -57.00 -94.22 6.56
N GLY C 360 -56.40 -93.24 7.21
CA GLY C 360 -57.01 -91.92 7.22
C GLY C 360 -58.10 -92.01 8.29
N PRO C 361 -59.33 -91.54 8.00
CA PRO C 361 -60.38 -91.62 9.01
C PRO C 361 -61.08 -92.99 9.15
N LYS C 362 -60.79 -93.90 8.21
CA LYS C 362 -61.39 -95.24 8.23
C LYS C 362 -60.73 -96.16 9.26
N LYS C 363 -61.48 -96.56 10.28
CA LYS C 363 -60.91 -97.44 11.27
C LYS C 363 -60.73 -98.86 10.75
N LYS C 364 -59.51 -99.37 10.89
CA LYS C 364 -59.16 -100.69 10.44
C LYS C 364 -58.91 -101.60 11.62
N ILE C 365 -59.55 -102.77 11.57
CA ILE C 365 -59.48 -103.78 12.62
C ILE C 365 -59.27 -105.17 12.02
N VAL C 366 -58.51 -106.00 12.70
CA VAL C 366 -58.26 -107.34 12.23
C VAL C 366 -59.48 -108.23 12.48
N LEU C 367 -60.02 -108.79 11.41
CA LEU C 367 -61.17 -109.67 11.52
C LEU C 367 -60.77 -111.08 11.10
N LEU C 368 -61.03 -112.06 11.97
CA LEU C 368 -60.74 -113.46 11.68
C LEU C 368 -62.02 -114.05 11.14
N SER C 369 -61.91 -114.84 10.07
CA SER C 369 -63.11 -115.46 9.51
C SER C 369 -63.25 -116.85 10.16
N ALA C 370 -62.22 -117.23 10.91
CA ALA C 370 -62.18 -118.53 11.60
C ALA C 370 -60.85 -118.61 12.36
N ILE C 371 -60.79 -119.46 13.38
CA ILE C 371 -59.56 -119.63 14.17
C ILE C 371 -58.39 -120.12 13.30
N GLY C 372 -57.38 -119.26 13.16
CA GLY C 372 -56.22 -119.59 12.37
C GLY C 372 -56.42 -119.22 10.92
N THR C 373 -57.38 -118.34 10.68
CA THR C 373 -57.69 -117.90 9.32
C THR C 373 -58.26 -116.48 9.31
N PRO C 374 -57.43 -115.50 8.92
CA PRO C 374 -57.83 -114.10 8.84
C PRO C 374 -58.78 -113.90 7.68
N TYR C 375 -59.65 -112.90 7.82
CA TYR C 375 -60.63 -112.59 6.79
C TYR C 375 -59.94 -112.01 5.56
N GLU C 376 -58.99 -111.11 5.80
CA GLU C 376 -58.21 -110.48 4.74
C GLU C 376 -56.74 -110.59 5.14
N THR C 377 -55.84 -110.40 4.19
CA THR C 377 -54.41 -110.46 4.50
C THR C 377 -53.98 -109.11 5.08
N ARG C 378 -54.92 -108.42 5.69
CA ARG C 378 -54.68 -107.12 6.30
C ARG C 378 -55.85 -106.71 7.22
N ALA C 379 -55.80 -105.50 7.75
CA ALA C 379 -56.87 -105.02 8.60
C ALA C 379 -58.02 -104.57 7.73
N SER C 380 -59.24 -104.89 8.17
CA SER C 380 -60.42 -104.53 7.43
C SER C 380 -60.96 -103.19 7.92
N VAL C 381 -61.56 -102.44 7.01
CA VAL C 381 -62.13 -101.17 7.37
C VAL C 381 -63.47 -101.46 8.01
N VAL C 382 -63.69 -100.90 9.18
CA VAL C 382 -64.93 -101.12 9.90
C VAL C 382 -65.55 -99.77 10.30
N ALA C 383 -66.88 -99.70 10.23
CA ALA C 383 -67.64 -98.50 10.57
C ALA C 383 -67.85 -98.31 12.07
N ASN C 384 -67.86 -97.06 12.51
CA ASN C 384 -68.01 -96.76 13.92
C ASN C 384 -69.22 -97.44 14.56
N GLU C 385 -70.39 -97.34 13.92
CA GLU C 385 -71.60 -97.93 14.47
C GLU C 385 -71.44 -99.41 14.79
N ASP C 386 -70.73 -100.15 13.95
CA ASP C 386 -70.52 -101.57 14.18
C ASP C 386 -69.58 -101.84 15.34
N ILE C 387 -68.61 -100.96 15.55
CA ILE C 387 -67.67 -101.13 16.65
C ILE C 387 -68.39 -100.83 17.97
N ARG C 388 -69.23 -99.80 17.96
CA ARG C 388 -69.97 -99.41 19.15
C ARG C 388 -70.78 -100.55 19.74
N VAL C 389 -71.29 -101.43 18.89
CA VAL C 389 -72.10 -102.54 19.38
C VAL C 389 -71.38 -103.51 20.33
N VAL C 390 -70.09 -103.73 20.14
CA VAL C 390 -69.37 -104.64 21.01
C VAL C 390 -68.56 -103.90 22.08
N LEU C 391 -68.80 -102.60 22.21
CA LEU C 391 -68.06 -101.81 23.18
C LEU C 391 -68.84 -101.67 24.48
ZN ZN D . 34.39 69.86 -15.77
CL CL E . 19.13 57.56 -6.80
PB ADP F . 26.72 74.98 -16.89
O1B ADP F . 26.01 74.53 -18.09
O2B ADP F . 27.75 76.12 -17.04
O3B ADP F . 27.31 73.73 -16.04
PA ADP F . 24.10 75.65 -15.67
O1A ADP F . 23.47 74.49 -16.39
O2A ADP F . 23.73 75.87 -14.24
O3A ADP F . 25.70 75.58 -15.81
O5' ADP F . 23.78 76.98 -16.53
C5' ADP F . 24.09 78.28 -15.87
C4' ADP F . 22.90 79.28 -16.03
O4' ADP F . 22.56 79.53 -17.42
C3' ADP F . 21.54 78.87 -15.44
O3' ADP F . 21.04 79.90 -14.53
C2' ADP F . 20.57 78.67 -16.62
O2' ADP F . 19.19 78.92 -16.30
C1' ADP F . 21.13 79.59 -17.63
N9 ADP F . 21.03 79.25 -19.09
C8 ADP F . 21.32 78.01 -19.69
N7 ADP F . 21.65 78.18 -20.95
C5 ADP F . 21.12 79.42 -21.30
C6 ADP F . 20.95 80.13 -22.57
N6 ADP F . 21.43 79.73 -23.77
N1 ADP F . 20.19 81.34 -22.52
C2 ADP F . 19.74 81.82 -21.27
N3 ADP F . 20.00 81.31 -20.02
C4 ADP F . 20.68 80.07 -20.14
C1 CRB G . 34.24 63.22 -17.95
O11 CRB G . 34.94 62.16 -17.74
O12 CRB G . 33.35 63.32 -18.81
C2 CRB G . 34.59 64.41 -17.02
O2 CRB G . 35.84 64.16 -16.42
C3 CRB G . 34.65 65.79 -17.73
C4 CRB G . 34.70 66.99 -16.77
O4 CRB G . 34.62 68.23 -17.51
C5 CRB G . 33.52 66.90 -15.70
O5 CRB G . 33.55 67.99 -14.85
C6 CRB G . 33.68 65.58 -14.94
C7 CRB G . 32.75 65.37 -13.73
C8 CRB G . 33.49 64.39 -15.92
P1 CRB G . 33.30 64.14 -12.49
O91 CRB G . 33.23 62.74 -13.00
O92 CRB G . 32.39 64.36 -11.29
O93 CRB G . 34.79 64.50 -12.11
ZN ZN H . 9.18 38.42 -7.20
PB ADP I . 12.92 38.33 1.21
O1B ADP I . 14.27 37.85 1.08
O2B ADP I . 11.75 37.33 1.29
O3B ADP I . 12.61 39.52 0.11
PA ADP I . 13.67 40.01 3.52
O1A ADP I . 15.06 40.17 2.96
O2A ADP I . 12.91 41.25 3.92
O3A ADP I . 12.72 39.15 2.56
O5' ADP I . 13.78 38.99 4.78
C5' ADP I . 12.62 38.88 5.69
C4' ADP I . 13.05 38.86 7.19
O4' ADP I . 13.94 37.76 7.50
C3' ADP I . 13.85 40.09 7.68
O3' ADP I . 13.26 40.65 8.91
C2' ADP I . 15.31 39.61 7.93
O2' ADP I . 16.05 40.32 8.96
C1' ADP I . 15.13 38.17 8.23
N9 ADP I . 16.15 37.18 7.75
C8 ADP I . 16.69 37.13 6.46
N7 ADP I . 17.29 35.96 6.25
C5 ADP I . 17.47 35.41 7.50
C6 ADP I . 18.20 34.26 7.99
N6 ADP I . 19.06 33.51 7.27
N1 ADP I . 17.98 33.91 9.34
C2 ADP I . 17.28 34.79 10.19
N3 ADP I . 16.64 35.95 9.85
C4 ADP I . 16.75 36.17 8.45
C1 CRB J . 13.42 39.61 -12.59
O11 CRB J . 13.37 40.06 -13.80
O12 CRB J . 14.46 39.12 -12.08
C2 CRB J . 12.11 39.71 -11.77
O2 CRB J . 11.02 39.65 -12.66
C3 CRB J . 11.95 38.59 -10.71
C4 CRB J . 10.82 38.83 -9.70
O4 CRB J . 10.79 37.77 -8.70
C5 CRB J . 11.04 40.20 -9.00
O5 CRB J . 10.14 40.39 -7.96
C6 CRB J . 10.92 41.28 -10.11
C7 CRB J . 10.91 42.72 -9.61
C8 CRB J . 12.11 41.13 -11.13
P1 CRB J . 10.42 43.97 -10.80
O91 CRB J . 11.39 44.09 -11.89
O92 CRB J . 10.30 45.27 -9.99
O93 CRB J . 9.01 43.54 -11.37
ZN ZN K . -49.21 -106.65 21.99
CL CL L . -37.86 -88.50 20.15
CL CL M . -41.33 -117.99 41.26
CL CL N . -59.81 -124.85 26.95
PB ADP O . -44.13 -107.18 29.58
O1B ADP O . -42.80 -107.51 29.07
O2B ADP O . -45.02 -108.31 30.18
O3B ADP O . -44.97 -106.26 28.52
PA ADP O . -42.97 -105.21 31.46
O1A ADP O . -41.73 -105.09 30.61
O2A ADP O . -43.66 -103.94 31.92
O3A ADP O . -44.07 -106.15 30.80
O5' ADP O . -42.62 -106.11 32.76
C5' ADP O . -43.52 -105.97 33.93
C4' ADP O . -42.72 -106.12 35.28
O4' ADP O . -41.97 -107.35 35.32
C3' ADP O . -41.66 -105.06 35.60
O3' ADP O . -41.92 -104.39 36.87
C2' ADP O . -40.27 -105.76 35.65
O2' ADP O . -39.36 -105.22 36.65
C1' ADP O . -40.64 -107.18 35.91
N9 ADP O . -39.83 -108.32 35.25
C8 ADP O . -39.63 -108.48 33.87
N7 ADP O . -38.71 -109.42 33.64
C5 ADP O . -38.58 -110.11 34.83
C6 ADP O . -37.98 -111.39 35.19
N6 ADP O . -37.47 -112.29 34.31
N1 ADP O . -37.93 -111.69 36.57
C2 ADP O . -38.50 -110.82 37.49
N3 ADP O . -39.13 -109.63 37.26
C4 ADP O . -39.17 -109.37 35.86
C1 CRB P . -46.27 -105.89 15.60
O11 CRB P . -46.63 -105.56 14.39
O12 CRB P . -45.15 -106.34 15.93
C2 CRB P . -47.37 -105.67 16.69
O2 CRB P . -48.65 -105.64 16.05
C3 CRB P . -47.42 -106.75 17.81
C4 CRB P . -48.34 -106.33 18.96
O4 CRB P . -48.45 -107.34 19.98
C5 CRB P . -47.81 -105.03 19.59
O5 CRB P . -48.49 -104.74 20.77
C6 CRB P . -47.97 -103.93 18.50
C7 CRB P . -47.67 -102.50 18.92
C8 CRB P . -47.02 -104.26 17.28
P1 CRB P . -48.22 -101.20 17.82
O91 CRB P . -47.44 -101.14 16.57
O92 CRB P . -48.09 -99.91 18.64
O93 CRB P . -49.73 -101.49 17.51
#